data_1RZU
#
_entry.id   1RZU
#
_cell.length_a   69.357
_cell.length_b   88.115
_cell.length_c   84.463
_cell.angle_alpha   90.00
_cell.angle_beta   98.19
_cell.angle_gamma   90.00
#
_symmetry.space_group_name_H-M   'P 1 21 1'
#
loop_
_entity.id
_entity.type
_entity.pdbx_description
1 polymer 'Glycogen synthase 1'
2 non-polymer "ADENOSINE-5'-DIPHOSPHATE"
3 water water
#
_entity_poly.entity_id   1
_entity_poly.type   'polypeptide(L)'
_entity_poly.pdbx_seq_one_letter_code
;MNVLSVSSEIYPLIKTGGLADVVGALPIALEAHGVRTRTLIPGYPAVKAAVTDPVKCFEFTDLLGEKADLLEVQHERLDL
LILDAPAYYERSGGPYLGQTGKDYPDNWKRFAALSLAAARIGAGVLPGWRPDMVHAHDWQAAMTPVYMRYAETPEIPSLL
TIHNIAFQGQFGANIFSKLALPAHAFGMEGIEYYNDVSFLKGGLQTATALSTVSPSYAEEILTAEFGMGLEGVIGSRAHV
LHGIVNGIDADVWNPATDHLIHDNYSAANLKNRALNKKAVAEHFRIDDDGSPLFCVISRLTWQKGIDLMAEAVDEIVSLG
GRLVVLGAGDVALEGALLAAASRHHGRVGVAIGYNEPLSHLMQAGCDAIIIPSRFEPCGLTQLYALRYGCIPVVARTGGL
ADTVIDANHAALASKAATGVQFSPVTLDGLKQAIRRTVRYYHDPKLWTQMQKLGMKSDVSWEKSAGLYAALYSQLISKGH
HHHHH
;
_entity_poly.pdbx_strand_id   A,B
#
loop_
_chem_comp.id
_chem_comp.type
_chem_comp.name
_chem_comp.formula
ADP non-polymer ADENOSINE-5'-DIPHOSPHATE 'C10 H15 N5 O10 P2'
#
# COMPACT_ATOMS: atom_id res chain seq x y z
N MET A 1 -21.87 17.44 -24.91
CA MET A 1 -20.57 17.90 -25.50
C MET A 1 -20.07 16.98 -26.63
N ASN A 2 -19.42 17.58 -27.61
CA ASN A 2 -18.85 16.88 -28.75
C ASN A 2 -17.33 16.77 -28.68
N VAL A 3 -16.87 15.54 -28.76
CA VAL A 3 -15.47 15.30 -28.64
C VAL A 3 -14.97 14.66 -29.90
N LEU A 4 -13.75 15.07 -30.23
CA LEU A 4 -13.04 14.50 -31.35
C LEU A 4 -11.96 13.64 -30.81
N SER A 5 -12.08 12.35 -31.03
CA SER A 5 -11.03 11.44 -30.60
C SER A 5 -10.11 11.25 -31.76
N VAL A 6 -8.83 11.05 -31.46
CA VAL A 6 -7.83 10.91 -32.48
C VAL A 6 -6.90 9.75 -32.13
N SER A 7 -6.83 8.78 -33.03
CA SER A 7 -6.03 7.59 -32.84
C SER A 7 -5.75 6.94 -34.19
N SER A 8 -4.66 6.19 -34.19
CA SER A 8 -4.23 5.43 -35.33
C SER A 8 -4.83 4.04 -35.30
N GLU A 9 -5.67 3.73 -34.31
CA GLU A 9 -6.31 2.41 -34.26
C GLU A 9 -7.52 2.36 -33.35
N ILE A 10 -8.39 1.41 -33.62
CA ILE A 10 -9.62 1.31 -32.83
C ILE A 10 -10.28 -0.03 -33.02
N TYR A 11 -10.63 -0.67 -31.91
CA TYR A 11 -11.32 -1.93 -31.95
C TYR A 11 -12.80 -1.71 -32.17
N PRO A 12 -13.47 -2.56 -32.96
CA PRO A 12 -12.89 -3.71 -33.64
C PRO A 12 -12.37 -3.58 -35.10
N LEU A 13 -12.10 -2.36 -35.59
CA LEU A 13 -11.60 -2.19 -36.96
C LEU A 13 -10.13 -2.53 -37.15
N ILE A 14 -9.25 -1.84 -36.43
CA ILE A 14 -7.83 -2.13 -36.44
C ILE A 14 -7.28 -2.22 -35.00
N LYS A 15 -6.28 -3.07 -34.80
CA LYS A 15 -5.73 -3.33 -33.49
C LYS A 15 -4.35 -3.95 -33.53
N THR A 16 -3.44 -3.35 -32.77
CA THR A 16 -2.12 -3.91 -32.63
C THR A 16 -1.84 -4.09 -31.15
N GLY A 17 -2.63 -3.43 -30.31
CA GLY A 17 -2.44 -3.52 -28.88
C GLY A 17 -3.64 -3.00 -28.11
N GLY A 18 -3.50 -2.90 -26.81
CA GLY A 18 -4.60 -2.44 -25.96
C GLY A 18 -5.11 -1.04 -26.28
N LEU A 19 -4.26 -0.28 -26.97
CA LEU A 19 -4.61 1.05 -27.45
C LEU A 19 -5.99 1.05 -28.14
N ALA A 20 -6.24 0.05 -28.99
CA ALA A 20 -7.52 -0.02 -29.70
C ALA A 20 -8.64 -0.40 -28.78
N ASP A 21 -8.35 -1.20 -27.77
CA ASP A 21 -9.41 -1.57 -26.87
C ASP A 21 -9.93 -0.34 -26.16
N VAL A 22 -9.06 0.51 -25.63
CA VAL A 22 -9.54 1.66 -24.92
C VAL A 22 -10.23 2.64 -25.86
N VAL A 23 -9.62 2.94 -27.03
CA VAL A 23 -10.16 3.87 -28.01
C VAL A 23 -11.49 3.43 -28.57
N GLY A 24 -11.73 2.11 -28.57
CA GLY A 24 -12.96 1.56 -29.07
C GLY A 24 -14.09 1.47 -28.05
N ALA A 25 -13.72 1.34 -26.77
CA ALA A 25 -14.70 1.20 -25.68
C ALA A 25 -15.12 2.51 -25.02
N LEU A 26 -14.23 3.50 -24.99
CA LEU A 26 -14.52 4.72 -24.25
C LEU A 26 -15.64 5.51 -24.82
N PRO A 27 -15.59 5.72 -26.12
CA PRO A 27 -16.63 6.46 -26.83
C PRO A 27 -17.98 5.88 -26.64
N ILE A 28 -18.11 4.59 -26.74
CA ILE A 28 -19.41 3.97 -26.53
C ILE A 28 -19.84 4.27 -25.14
N ALA A 29 -18.97 3.98 -24.17
CA ALA A 29 -19.31 4.19 -22.77
C ALA A 29 -19.68 5.62 -22.46
N LEU A 30 -19.00 6.54 -23.13
CA LEU A 30 -19.23 7.96 -22.91
C LEU A 30 -20.63 8.36 -23.37
N GLU A 31 -21.24 7.61 -24.29
CA GLU A 31 -22.57 7.99 -24.74
C GLU A 31 -23.47 8.02 -23.53
N ALA A 32 -23.22 7.12 -22.58
CA ALA A 32 -24.04 7.08 -21.38
C ALA A 32 -23.85 8.36 -20.53
N HIS A 33 -22.80 9.11 -20.80
CA HIS A 33 -22.58 10.32 -20.01
C HIS A 33 -22.88 11.56 -20.82
N GLY A 34 -23.67 11.38 -21.88
CA GLY A 34 -24.08 12.48 -22.72
C GLY A 34 -22.96 13.03 -23.57
N VAL A 35 -21.90 12.25 -23.80
CA VAL A 35 -20.80 12.77 -24.57
C VAL A 35 -20.76 12.14 -25.96
N ARG A 36 -20.97 12.94 -27.01
CA ARG A 36 -20.83 12.45 -28.36
C ARG A 36 -19.38 12.47 -28.80
N THR A 37 -18.87 11.33 -29.21
CA THR A 37 -17.49 11.28 -29.63
C THR A 37 -17.41 10.77 -31.03
N ARG A 38 -16.61 11.45 -31.84
CA ARG A 38 -16.35 11.00 -33.20
C ARG A 38 -14.88 10.71 -33.23
N THR A 39 -14.54 9.52 -33.71
CA THR A 39 -13.13 9.16 -33.72
C THR A 39 -12.52 9.25 -35.07
N LEU A 40 -11.48 10.03 -35.18
CA LEU A 40 -10.78 10.14 -36.43
C LEU A 40 -9.75 9.03 -36.48
N ILE A 41 -9.88 8.15 -37.47
CA ILE A 41 -8.92 7.08 -37.69
C ILE A 41 -8.49 7.10 -39.16
N PRO A 42 -7.28 6.65 -39.47
CA PRO A 42 -6.82 6.50 -40.86
C PRO A 42 -7.66 5.54 -41.68
N GLY A 43 -7.73 5.85 -42.97
CA GLY A 43 -8.45 5.04 -43.91
C GLY A 43 -7.56 3.88 -44.32
N TYR A 44 -7.29 2.99 -43.37
CA TYR A 44 -6.54 1.81 -43.66
C TYR A 44 -7.38 0.92 -44.59
N PRO A 45 -6.76 0.17 -45.49
CA PRO A 45 -7.51 -0.70 -46.39
C PRO A 45 -8.49 -1.56 -45.59
N ALA A 46 -7.99 -2.14 -44.53
CA ALA A 46 -8.84 -2.95 -43.71
C ALA A 46 -9.96 -2.12 -43.07
N VAL A 47 -9.78 -0.81 -42.97
CA VAL A 47 -10.80 0.06 -42.40
C VAL A 47 -11.94 0.26 -43.39
N LYS A 48 -11.61 0.72 -44.59
CA LYS A 48 -12.62 0.97 -45.61
C LYS A 48 -13.43 -0.28 -45.98
N ALA A 49 -12.79 -1.44 -45.89
CA ALA A 49 -13.46 -2.70 -46.23
C ALA A 49 -14.53 -3.07 -45.22
N ALA A 50 -14.10 -3.08 -43.96
CA ALA A 50 -14.95 -3.42 -42.83
C ALA A 50 -16.26 -2.64 -42.78
N VAL A 51 -16.14 -1.32 -42.91
CA VAL A 51 -17.27 -0.41 -42.74
C VAL A 51 -18.34 -0.44 -43.85
N THR A 52 -19.55 -0.05 -43.47
CA THR A 52 -20.69 -0.02 -44.39
C THR A 52 -21.37 1.35 -44.64
N ASP A 53 -21.59 1.67 -45.92
CA ASP A 53 -22.27 2.89 -46.34
C ASP A 53 -21.50 4.16 -45.88
N PRO A 54 -20.23 4.28 -46.26
CA PRO A 54 -19.44 5.49 -45.95
C PRO A 54 -19.87 6.75 -46.71
N VAL A 55 -19.79 7.90 -46.05
CA VAL A 55 -20.25 9.15 -46.62
C VAL A 55 -19.16 10.20 -46.69
N LYS A 56 -18.78 10.53 -47.92
CA LYS A 56 -17.82 11.59 -48.17
C LYS A 56 -18.42 12.89 -47.68
N CYS A 57 -17.72 13.53 -46.74
CA CYS A 57 -18.20 14.76 -46.12
C CYS A 57 -17.14 15.84 -46.13
N PHE A 58 -16.00 15.59 -46.75
CA PHE A 58 -14.98 16.61 -46.82
C PHE A 58 -13.76 16.14 -47.57
N GLU A 59 -12.99 17.10 -48.09
CA GLU A 59 -11.74 16.81 -48.79
C GLU A 59 -10.70 17.86 -48.45
N PHE A 60 -9.55 17.37 -48.02
CA PHE A 60 -8.40 18.22 -47.71
C PHE A 60 -7.55 18.34 -48.97
N THR A 61 -7.42 19.53 -49.49
CA THR A 61 -6.63 19.71 -50.71
C THR A 61 -5.13 19.55 -50.46
N ASP A 62 -4.68 19.97 -49.27
CA ASP A 62 -3.26 19.89 -48.93
C ASP A 62 -3.00 19.45 -47.46
N LEU A 63 -2.54 18.21 -47.29
CA LEU A 63 -2.25 17.62 -45.98
C LEU A 63 -0.79 17.18 -46.00
N LEU A 64 0.10 18.14 -45.75
CA LEU A 64 1.54 17.95 -45.89
C LEU A 64 1.86 17.60 -47.34
N GLY A 65 1.09 18.21 -48.24
CA GLY A 65 1.28 18.01 -49.66
C GLY A 65 0.56 16.78 -50.17
N GLU A 66 -0.60 16.48 -49.61
CA GLU A 66 -1.35 15.32 -50.08
C GLU A 66 -2.86 15.49 -50.00
N LYS A 67 -3.54 14.91 -50.99
CA LYS A 67 -4.98 14.95 -51.07
C LYS A 67 -5.55 13.88 -50.12
N ALA A 68 -6.74 14.14 -49.59
CA ALA A 68 -7.46 13.19 -48.72
C ALA A 68 -8.97 13.52 -48.61
N ASP A 69 -9.82 12.49 -48.73
CA ASP A 69 -11.24 12.63 -48.51
C ASP A 69 -11.52 12.30 -47.03
N LEU A 70 -12.62 12.80 -46.48
CA LEU A 70 -12.99 12.49 -45.10
C LEU A 70 -14.36 11.85 -45.07
N LEU A 71 -14.40 10.53 -45.00
CA LEU A 71 -15.66 9.82 -44.96
C LEU A 71 -16.17 9.71 -43.51
N GLU A 72 -17.46 9.94 -43.31
CA GLU A 72 -18.05 9.85 -41.98
C GLU A 72 -18.97 8.65 -42.00
N VAL A 73 -18.79 7.75 -41.05
CA VAL A 73 -19.60 6.53 -41.00
C VAL A 73 -19.81 6.08 -39.57
N GLN A 74 -20.98 5.48 -39.33
CA GLN A 74 -21.34 4.92 -38.04
C GLN A 74 -21.07 3.43 -38.16
N HIS A 75 -20.13 2.90 -37.36
CA HIS A 75 -19.80 1.49 -37.44
C HIS A 75 -19.90 0.80 -36.08
N GLU A 76 -20.98 0.07 -35.87
CA GLU A 76 -21.15 -0.68 -34.61
C GLU A 76 -21.03 0.16 -33.37
N ARG A 77 -21.91 1.14 -33.29
CA ARG A 77 -21.95 2.09 -32.19
C ARG A 77 -20.85 3.11 -32.28
N LEU A 78 -19.90 2.92 -33.19
CA LEU A 78 -18.81 3.90 -33.37
C LEU A 78 -19.08 4.90 -34.49
N ASP A 79 -19.16 6.15 -34.06
CA ASP A 79 -19.29 7.29 -34.93
C ASP A 79 -17.88 7.59 -35.35
N LEU A 80 -17.58 7.19 -36.57
CA LEU A 80 -16.28 7.40 -37.14
C LEU A 80 -16.18 8.49 -38.23
N LEU A 81 -14.94 8.95 -38.35
CA LEU A 81 -14.51 9.95 -39.32
C LEU A 81 -13.25 9.41 -39.90
N ILE A 82 -13.35 8.67 -41.00
CA ILE A 82 -12.21 8.06 -41.65
C ILE A 82 -11.44 9.03 -42.55
N LEU A 83 -10.12 8.95 -42.55
CA LEU A 83 -9.29 9.85 -43.35
C LEU A 83 -8.69 9.08 -44.51
N ASP A 84 -9.33 9.20 -45.67
CA ASP A 84 -8.97 8.46 -46.88
C ASP A 84 -7.84 9.15 -47.62
N ALA A 85 -6.62 8.83 -47.23
CA ALA A 85 -5.44 9.40 -47.87
C ALA A 85 -4.65 8.26 -48.46
N PRO A 86 -5.09 7.83 -49.64
CA PRO A 86 -4.46 6.69 -50.31
C PRO A 86 -2.95 6.78 -50.33
N ALA A 87 -2.40 7.98 -50.39
CA ALA A 87 -0.95 8.13 -50.47
C ALA A 87 -0.25 7.73 -49.17
N TYR A 88 -0.99 7.78 -48.05
CA TYR A 88 -0.47 7.42 -46.74
C TYR A 88 -0.91 6.03 -46.25
N TYR A 89 -2.18 5.67 -46.46
CA TYR A 89 -2.77 4.48 -45.83
C TYR A 89 -3.10 3.29 -46.69
N GLU A 90 -3.09 3.44 -48.02
CA GLU A 90 -3.33 2.33 -48.92
C GLU A 90 -2.01 1.59 -49.15
N ARG A 91 -1.63 0.72 -48.21
CA ARG A 91 -0.33 0.05 -48.35
C ARG A 91 -0.34 -1.46 -48.26
N SER A 92 -1.35 -2.00 -47.59
CA SER A 92 -1.42 -3.44 -47.37
C SER A 92 -0.19 -3.88 -46.57
N GLY A 93 -0.31 -3.77 -45.25
CA GLY A 93 0.74 -4.13 -44.32
C GLY A 93 0.21 -3.66 -43.00
N GLY A 94 0.87 -3.95 -41.89
CA GLY A 94 0.39 -3.44 -40.63
C GLY A 94 0.17 -1.94 -40.81
N PRO A 95 -0.57 -1.30 -39.89
CA PRO A 95 -0.72 0.16 -39.90
C PRO A 95 0.61 0.90 -39.70
N TYR A 96 1.60 0.23 -39.12
CA TYR A 96 2.88 0.86 -38.85
C TYR A 96 4.04 0.12 -39.51
N LEU A 97 3.90 -1.19 -39.69
CA LEU A 97 4.99 -2.00 -40.23
C LEU A 97 4.81 -2.37 -41.69
N GLY A 98 5.90 -2.44 -42.40
CA GLY A 98 5.87 -2.76 -43.81
C GLY A 98 5.59 -4.23 -44.05
N GLN A 99 5.46 -4.57 -45.32
CA GLN A 99 5.21 -5.93 -45.70
C GLN A 99 6.41 -6.76 -45.27
N THR A 100 7.48 -6.04 -44.91
CA THR A 100 8.75 -6.68 -44.51
C THR A 100 8.84 -6.86 -43.02
N GLY A 101 8.02 -6.10 -42.28
CA GLY A 101 7.99 -6.22 -40.83
C GLY A 101 8.63 -5.05 -40.13
N LYS A 102 8.93 -3.99 -40.86
CA LYS A 102 9.59 -2.85 -40.24
C LYS A 102 8.81 -1.56 -40.43
N ASP A 103 9.19 -0.54 -39.67
CA ASP A 103 8.54 0.76 -39.73
C ASP A 103 8.70 1.42 -41.11
N TYR A 104 7.58 1.91 -41.66
CA TYR A 104 7.56 2.72 -42.89
C TYR A 104 8.38 3.98 -42.62
N PRO A 105 9.27 4.36 -43.54
CA PRO A 105 10.11 5.55 -43.37
C PRO A 105 9.24 6.76 -43.42
N ASP A 106 8.02 6.47 -43.81
CA ASP A 106 6.94 7.40 -43.97
C ASP A 106 6.16 7.68 -42.69
N ASN A 107 6.39 6.87 -41.67
CA ASN A 107 5.59 6.98 -40.43
C ASN A 107 5.39 8.40 -39.96
N TRP A 108 6.48 9.16 -39.95
CA TRP A 108 6.42 10.50 -39.44
C TRP A 108 5.39 11.35 -40.20
N LYS A 109 5.35 11.20 -41.49
CA LYS A 109 4.46 12.02 -42.31
C LYS A 109 3.08 11.43 -42.25
N ARG A 110 2.99 10.11 -42.15
CA ARG A 110 1.67 9.47 -42.09
C ARG A 110 0.79 9.96 -40.92
N PHE A 111 1.36 10.03 -39.72
CA PHE A 111 0.58 10.42 -38.53
C PHE A 111 0.60 11.91 -38.25
N ALA A 112 1.58 12.61 -38.79
CA ALA A 112 1.57 14.05 -38.74
C ALA A 112 0.40 14.52 -39.55
N ALA A 113 0.21 13.89 -40.70
CA ALA A 113 -0.91 14.18 -41.54
C ALA A 113 -2.19 13.86 -40.79
N LEU A 114 -2.25 12.72 -40.10
CA LEU A 114 -3.43 12.40 -39.29
C LEU A 114 -3.68 13.45 -38.19
N SER A 115 -2.62 13.96 -37.59
CA SER A 115 -2.78 14.95 -36.52
C SER A 115 -3.25 16.28 -37.11
N LEU A 116 -2.62 16.70 -38.20
CA LEU A 116 -2.94 17.95 -38.87
C LEU A 116 -4.42 18.03 -39.30
N ALA A 117 -4.92 16.99 -39.95
CA ALA A 117 -6.34 16.92 -40.29
C ALA A 117 -7.21 17.12 -39.03
N ALA A 118 -6.85 16.43 -37.94
CA ALA A 118 -7.58 16.56 -36.71
C ALA A 118 -7.57 18.00 -36.20
N ALA A 119 -6.42 18.65 -36.31
CA ALA A 119 -6.24 20.04 -35.86
C ALA A 119 -7.14 20.98 -36.63
N ARG A 120 -7.33 20.69 -37.90
CA ARG A 120 -8.17 21.51 -38.76
C ARG A 120 -9.63 21.27 -38.45
N ILE A 121 -10.01 20.01 -38.34
CA ILE A 121 -11.35 19.68 -37.88
C ILE A 121 -11.63 20.37 -36.54
N GLY A 122 -10.64 20.47 -35.68
CA GLY A 122 -10.83 21.12 -34.39
C GLY A 122 -10.96 22.63 -34.53
N ALA A 123 -10.47 23.12 -35.65
CA ALA A 123 -10.46 24.53 -35.94
C ALA A 123 -11.74 24.97 -36.61
N GLY A 124 -12.67 24.04 -36.77
CA GLY A 124 -13.95 24.31 -37.40
C GLY A 124 -13.99 24.12 -38.91
N VAL A 125 -13.01 23.41 -39.45
CA VAL A 125 -12.96 23.22 -40.90
C VAL A 125 -14.17 22.50 -41.49
N LEU A 126 -14.84 21.69 -40.68
CA LEU A 126 -16.01 20.94 -41.10
C LEU A 126 -17.28 21.70 -40.83
N PRO A 127 -18.05 21.96 -41.88
CA PRO A 127 -19.35 22.61 -41.70
C PRO A 127 -20.30 21.57 -41.12
N GLY A 128 -21.00 21.94 -40.07
CA GLY A 128 -21.99 21.04 -39.52
C GLY A 128 -21.59 20.43 -38.20
N TRP A 129 -20.30 20.16 -38.04
CA TRP A 129 -19.83 19.57 -36.81
C TRP A 129 -18.51 20.13 -36.35
N ARG A 130 -18.51 20.60 -35.11
CA ARG A 130 -17.32 21.15 -34.52
C ARG A 130 -17.16 20.63 -33.10
N PRO A 131 -15.97 20.10 -32.77
CA PRO A 131 -15.73 19.61 -31.42
C PRO A 131 -15.43 20.72 -30.42
N ASP A 132 -15.87 20.50 -29.20
CA ASP A 132 -15.58 21.38 -28.10
C ASP A 132 -14.18 21.10 -27.65
N MET A 133 -13.72 19.90 -27.93
CA MET A 133 -12.37 19.53 -27.57
C MET A 133 -11.91 18.30 -28.30
N VAL A 134 -10.62 18.05 -28.21
CA VAL A 134 -10.02 16.90 -28.85
C VAL A 134 -9.38 16.01 -27.83
N HIS A 135 -9.45 14.71 -28.06
CA HIS A 135 -8.78 13.78 -27.20
C HIS A 135 -7.89 12.96 -28.10
N ALA A 136 -6.59 13.21 -27.98
CA ALA A 136 -5.59 12.45 -28.71
C ALA A 136 -5.02 11.30 -27.86
N HIS A 137 -4.77 10.19 -28.55
CA HIS A 137 -4.24 8.96 -28.01
C HIS A 137 -2.89 8.64 -28.58
N ASP A 138 -1.89 8.54 -27.71
CA ASP A 138 -0.56 8.07 -28.06
C ASP A 138 0.20 8.88 -29.09
N TRP A 139 1.45 8.51 -29.34
CA TRP A 139 2.30 9.27 -30.26
C TRP A 139 1.70 9.53 -31.66
N GLN A 140 0.97 8.57 -32.25
CA GLN A 140 0.46 8.79 -33.62
C GLN A 140 -0.37 10.01 -33.65
N ALA A 141 -0.97 10.36 -32.54
CA ALA A 141 -1.89 11.50 -32.53
C ALA A 141 -1.41 12.68 -31.72
N ALA A 142 -0.28 12.55 -31.06
CA ALA A 142 0.23 13.61 -30.17
C ALA A 142 0.52 14.97 -30.85
N MET A 143 0.72 14.97 -32.18
CA MET A 143 0.95 16.19 -32.94
C MET A 143 -0.31 17.06 -33.13
N THR A 144 -1.47 16.51 -32.79
CA THR A 144 -2.74 17.26 -32.90
C THR A 144 -2.67 18.55 -32.08
N PRO A 145 -2.32 18.46 -30.80
CA PRO A 145 -2.14 19.67 -29.96
C PRO A 145 -1.02 20.59 -30.53
N VAL A 146 -0.03 20.04 -31.20
CA VAL A 146 1.06 20.86 -31.71
C VAL A 146 0.57 21.73 -32.86
N TYR A 147 -0.14 21.12 -33.81
CA TYR A 147 -0.70 21.82 -34.94
C TYR A 147 -1.78 22.80 -34.48
N MET A 148 -2.57 22.47 -33.48
CA MET A 148 -3.54 23.46 -33.02
C MET A 148 -2.79 24.64 -32.42
N ARG A 149 -1.80 24.39 -31.59
CA ARG A 149 -1.07 25.48 -30.97
C ARG A 149 -0.51 26.48 -32.01
N TYR A 150 0.16 25.95 -33.04
CA TYR A 150 0.86 26.80 -34.06
C TYR A 150 -0.01 27.30 -35.22
N ALA A 151 -1.23 26.77 -35.30
CA ALA A 151 -2.25 27.20 -36.25
C ALA A 151 -2.63 28.64 -35.93
N GLU A 152 -3.03 29.35 -36.95
CA GLU A 152 -3.47 30.70 -36.75
C GLU A 152 -4.64 30.77 -35.78
N THR A 153 -5.67 29.95 -36.01
CA THR A 153 -6.88 29.95 -35.19
C THR A 153 -6.58 29.48 -33.77
N PRO A 154 -7.10 30.13 -32.75
CA PRO A 154 -6.77 29.69 -31.39
C PRO A 154 -7.16 28.25 -31.14
N GLU A 155 -6.36 27.55 -30.36
CA GLU A 155 -6.63 26.14 -30.11
C GLU A 155 -7.88 25.93 -29.28
N ILE A 156 -8.56 24.82 -29.48
CA ILE A 156 -9.60 24.40 -28.57
C ILE A 156 -8.92 23.45 -27.61
N PRO A 157 -9.51 23.16 -26.47
CA PRO A 157 -8.87 22.30 -25.46
C PRO A 157 -8.51 20.91 -25.94
N SER A 158 -7.35 20.42 -25.52
CA SER A 158 -6.87 19.10 -25.91
C SER A 158 -6.41 18.28 -24.71
N LEU A 159 -6.66 16.99 -24.80
CA LEU A 159 -6.26 16.02 -23.78
C LEU A 159 -5.48 14.98 -24.52
N LEU A 160 -4.27 14.68 -24.07
CA LEU A 160 -3.49 13.61 -24.68
C LEU A 160 -3.27 12.47 -23.70
N THR A 161 -3.64 11.27 -24.10
CA THR A 161 -3.50 10.13 -23.22
C THR A 161 -2.28 9.30 -23.61
N ILE A 162 -1.47 8.94 -22.66
CA ILE A 162 -0.35 8.09 -22.99
C ILE A 162 -0.73 6.69 -22.64
N HIS A 163 -0.71 5.86 -23.66
CA HIS A 163 -0.94 4.44 -23.50
C HIS A 163 0.38 3.73 -23.54
N ASN A 164 1.25 4.18 -24.44
CA ASN A 164 2.51 3.53 -24.67
C ASN A 164 3.70 4.53 -24.56
N ILE A 165 4.14 4.82 -23.35
CA ILE A 165 5.23 5.78 -23.15
C ILE A 165 6.53 5.36 -23.86
N ALA A 166 6.71 4.09 -24.20
CA ALA A 166 7.90 3.67 -24.90
C ALA A 166 7.92 3.97 -26.42
N PHE A 167 6.82 4.46 -26.96
CA PHE A 167 6.73 4.72 -28.38
C PHE A 167 6.51 6.22 -28.48
N GLN A 168 7.57 6.96 -28.73
CA GLN A 168 7.53 8.40 -28.60
C GLN A 168 7.52 9.19 -29.91
N GLY A 169 7.44 8.50 -31.05
CA GLY A 169 7.47 9.15 -32.38
C GLY A 169 8.69 10.03 -32.57
N GLN A 170 9.84 9.44 -32.31
CA GLN A 170 11.12 10.08 -32.43
C GLN A 170 11.65 9.92 -33.87
N PHE A 171 12.16 11.01 -34.40
CA PHE A 171 12.67 11.07 -35.76
C PHE A 171 13.81 12.08 -35.88
N GLY A 172 14.53 12.01 -36.97
CA GLY A 172 15.64 12.93 -37.25
C GLY A 172 15.08 14.32 -37.49
N ALA A 173 15.79 15.32 -36.99
CA ALA A 173 15.32 16.69 -37.10
C ALA A 173 15.27 17.09 -38.59
N ASN A 174 15.80 16.22 -39.44
CA ASN A 174 15.87 16.46 -40.89
C ASN A 174 14.48 16.40 -41.58
N ILE A 175 13.46 15.98 -40.85
CA ILE A 175 12.11 16.01 -41.40
C ILE A 175 11.38 17.28 -40.98
N PHE A 176 12.03 18.13 -40.22
CA PHE A 176 11.31 19.25 -39.62
C PHE A 176 10.69 20.18 -40.64
N SER A 177 11.45 20.46 -41.69
CA SER A 177 11.03 21.34 -42.78
C SER A 177 9.88 20.80 -43.60
N LYS A 178 9.52 19.56 -43.36
CA LYS A 178 8.40 18.99 -44.09
C LYS A 178 7.20 18.84 -43.18
N LEU A 179 7.22 19.48 -42.02
CA LEU A 179 6.09 19.33 -41.10
C LEU A 179 5.05 20.44 -41.07
N ALA A 180 5.21 21.45 -41.92
CA ALA A 180 4.31 22.59 -41.99
C ALA A 180 4.20 23.30 -40.63
N LEU A 181 5.35 23.46 -39.98
CA LEU A 181 5.45 24.12 -38.69
C LEU A 181 6.47 25.27 -38.72
N PRO A 182 6.21 26.30 -37.91
CA PRO A 182 7.11 27.45 -37.78
C PRO A 182 8.43 26.97 -37.14
N ALA A 183 9.52 27.63 -37.50
CA ALA A 183 10.85 27.28 -37.03
C ALA A 183 10.93 27.24 -35.50
N HIS A 184 10.36 28.24 -34.83
CA HIS A 184 10.38 28.27 -33.37
C HIS A 184 9.70 27.10 -32.73
N ALA A 185 8.95 26.32 -33.50
CA ALA A 185 8.27 25.14 -32.97
C ALA A 185 9.29 24.04 -32.70
N PHE A 186 10.46 24.15 -33.31
CA PHE A 186 11.54 23.22 -33.03
C PHE A 186 12.35 23.77 -31.83
N GLY A 187 11.79 23.57 -30.64
CA GLY A 187 12.40 24.02 -29.41
C GLY A 187 11.84 23.29 -28.17
N MET A 188 12.28 23.76 -27.01
CA MET A 188 11.85 23.29 -25.71
C MET A 188 10.34 23.39 -25.64
N GLU A 189 9.84 24.62 -25.75
CA GLU A 189 8.41 24.89 -25.69
C GLU A 189 7.72 24.02 -26.74
N GLY A 190 8.47 23.44 -27.67
CA GLY A 190 7.87 22.68 -28.76
C GLY A 190 8.29 21.23 -28.91
N ILE A 191 8.62 20.82 -30.15
CA ILE A 191 8.88 19.42 -30.44
C ILE A 191 10.34 18.91 -30.46
N GLU A 192 11.33 19.72 -30.06
CA GLU A 192 12.72 19.26 -30.10
C GLU A 192 13.02 18.47 -28.88
N TYR A 193 13.62 17.31 -29.07
CA TYR A 193 13.97 16.40 -28.00
C TYR A 193 15.41 15.90 -28.20
N TYR A 194 16.37 16.54 -27.55
CA TYR A 194 17.79 16.21 -27.70
C TYR A 194 18.22 16.26 -29.16
N ASN A 195 17.96 17.41 -29.81
CA ASN A 195 18.24 17.70 -31.25
C ASN A 195 17.53 16.78 -32.26
N ASP A 196 16.72 15.85 -31.75
CA ASP A 196 15.89 15.02 -32.59
C ASP A 196 14.45 15.59 -32.59
N VAL A 197 13.57 15.02 -33.39
CA VAL A 197 12.17 15.41 -33.33
C VAL A 197 11.40 14.30 -32.58
N SER A 198 10.63 14.67 -31.55
CA SER A 198 9.76 13.72 -30.89
C SER A 198 8.33 14.14 -30.90
N PHE A 199 7.47 13.41 -31.59
CA PHE A 199 6.03 13.75 -31.60
C PHE A 199 5.43 13.73 -30.17
N LEU A 200 5.60 12.63 -29.44
CA LEU A 200 4.98 12.52 -28.11
C LEU A 200 5.37 13.70 -27.24
N LYS A 201 6.66 14.00 -27.27
CA LYS A 201 7.20 15.12 -26.54
C LYS A 201 6.51 16.39 -26.91
N GLY A 202 6.18 16.55 -28.19
CA GLY A 202 5.53 17.77 -28.60
C GLY A 202 4.19 17.95 -27.96
N GLY A 203 3.37 16.91 -28.07
CA GLY A 203 2.03 16.91 -27.48
C GLY A 203 2.01 17.01 -25.96
N LEU A 204 2.92 16.32 -25.30
CA LEU A 204 3.06 16.47 -23.86
C LEU A 204 3.29 17.95 -23.52
N GLN A 205 3.96 18.65 -24.44
CA GLN A 205 4.30 20.06 -24.21
C GLN A 205 3.12 20.99 -24.52
N THR A 206 2.32 20.62 -25.53
CA THR A 206 1.26 21.48 -26.03
C THR A 206 -0.15 21.17 -25.56
N ALA A 207 -0.44 19.91 -25.24
CA ALA A 207 -1.78 19.53 -24.81
C ALA A 207 -2.24 20.28 -23.57
N THR A 208 -3.52 20.58 -23.51
CA THR A 208 -4.04 21.26 -22.34
C THR A 208 -3.97 20.40 -21.08
N ALA A 209 -4.29 19.13 -21.24
CA ALA A 209 -4.19 18.23 -20.14
C ALA A 209 -3.57 16.95 -20.62
N LEU A 210 -2.90 16.25 -19.72
CA LEU A 210 -2.27 14.99 -20.07
C LEU A 210 -2.92 13.86 -19.24
N SER A 211 -3.01 12.66 -19.77
CA SER A 211 -3.53 11.59 -18.93
C SER A 211 -2.87 10.23 -19.28
N THR A 212 -3.12 9.23 -18.45
CA THR A 212 -2.72 7.86 -18.70
C THR A 212 -3.65 6.92 -17.90
N VAL A 213 -3.42 5.63 -18.01
CA VAL A 213 -4.42 4.65 -17.63
C VAL A 213 -4.55 4.21 -16.18
N SER A 214 -3.89 4.93 -15.29
CA SER A 214 -4.14 4.77 -13.86
C SER A 214 -3.49 5.89 -13.05
N PRO A 215 -4.06 6.24 -11.92
CA PRO A 215 -3.41 7.22 -11.09
C PRO A 215 -1.98 6.81 -10.80
N SER A 216 -1.77 5.56 -10.43
CA SER A 216 -0.43 5.20 -10.02
C SER A 216 0.56 5.25 -11.16
N TYR A 217 0.11 4.86 -12.33
CA TYR A 217 0.97 4.95 -13.46
C TYR A 217 1.32 6.41 -13.77
N ALA A 218 0.40 7.31 -13.47
CA ALA A 218 0.65 8.72 -13.70
C ALA A 218 1.76 9.18 -12.73
N GLU A 219 1.81 8.63 -11.54
CA GLU A 219 2.90 8.96 -10.67
C GLU A 219 4.20 8.35 -11.22
N GLU A 220 4.16 7.08 -11.60
CA GLU A 220 5.37 6.37 -12.04
C GLU A 220 6.14 7.02 -13.21
N ILE A 221 5.44 7.43 -14.25
CA ILE A 221 6.08 7.99 -15.44
C ILE A 221 6.74 9.36 -15.16
N LEU A 222 6.60 9.86 -13.94
CA LEU A 222 7.29 11.05 -13.53
C LEU A 222 8.68 10.67 -12.98
N THR A 223 8.93 9.37 -12.82
CA THR A 223 10.21 8.89 -12.35
C THR A 223 11.00 8.35 -13.49
N ALA A 224 12.29 8.25 -13.29
CA ALA A 224 13.14 7.71 -14.33
C ALA A 224 12.88 6.22 -14.62
N GLU A 225 12.40 5.51 -13.63
CA GLU A 225 12.17 4.10 -13.87
C GLU A 225 11.04 3.81 -14.88
N PHE A 226 10.13 4.76 -15.08
CA PHE A 226 9.02 4.54 -16.00
C PHE A 226 8.83 5.57 -17.10
N GLY A 227 9.48 6.71 -16.96
CA GLY A 227 9.29 7.81 -17.87
C GLY A 227 9.93 7.62 -19.23
N MET A 228 10.85 6.68 -19.35
CA MET A 228 11.48 6.40 -20.64
C MET A 228 12.13 7.69 -21.21
N GLY A 229 12.78 8.43 -20.34
CA GLY A 229 13.40 9.66 -20.79
C GLY A 229 12.47 10.85 -20.84
N LEU A 230 11.15 10.64 -20.73
CA LEU A 230 10.21 11.75 -20.78
C LEU A 230 9.76 12.34 -19.45
N GLU A 231 10.31 11.84 -18.35
CA GLU A 231 9.86 12.24 -17.02
C GLU A 231 10.11 13.72 -16.71
N GLY A 232 11.16 14.26 -17.28
CA GLY A 232 11.48 15.68 -17.06
C GLY A 232 10.39 16.57 -17.64
N VAL A 233 10.00 16.28 -18.88
CA VAL A 233 8.93 16.99 -19.54
C VAL A 233 7.59 16.86 -18.79
N ILE A 234 7.12 15.63 -18.64
CA ILE A 234 5.84 15.42 -17.99
C ILE A 234 5.82 16.06 -16.60
N GLY A 235 6.91 15.90 -15.85
CA GLY A 235 7.07 16.52 -14.54
C GLY A 235 6.87 18.03 -14.53
N SER A 236 7.16 18.73 -15.62
CA SER A 236 6.97 20.16 -15.69
C SER A 236 5.51 20.49 -15.99
N ARG A 237 4.71 19.46 -16.22
CA ARG A 237 3.30 19.67 -16.49
C ARG A 237 2.49 18.76 -15.62
N ALA A 238 3.08 18.39 -14.50
CA ALA A 238 2.42 17.47 -13.62
C ALA A 238 1.10 18.02 -13.09
N HIS A 239 0.96 19.34 -13.06
CA HIS A 239 -0.26 19.96 -12.53
C HIS A 239 -1.48 19.74 -13.43
N VAL A 240 -1.24 19.20 -14.64
CA VAL A 240 -2.31 18.88 -15.57
C VAL A 240 -2.24 17.44 -15.99
N LEU A 241 -1.54 16.62 -15.21
CA LEU A 241 -1.45 15.17 -15.47
C LEU A 241 -2.52 14.42 -14.67
N HIS A 242 -3.25 13.55 -15.38
CA HIS A 242 -4.31 12.75 -14.77
C HIS A 242 -4.19 11.27 -15.00
N GLY A 243 -4.56 10.49 -14.02
CA GLY A 243 -4.57 9.05 -14.21
C GLY A 243 -5.99 8.57 -14.06
N ILE A 244 -6.50 7.87 -15.07
CA ILE A 244 -7.83 7.28 -15.01
C ILE A 244 -7.80 5.79 -15.39
N VAL A 245 -8.22 4.97 -14.44
CA VAL A 245 -8.29 3.53 -14.56
C VAL A 245 -9.15 3.09 -15.73
N ASN A 246 -8.71 2.07 -16.46
CA ASN A 246 -9.53 1.51 -17.54
C ASN A 246 -10.67 0.69 -16.99
N GLY A 247 -11.80 0.62 -17.70
CA GLY A 247 -12.90 -0.24 -17.30
C GLY A 247 -12.89 -1.56 -18.06
N ILE A 248 -13.92 -2.36 -17.85
CA ILE A 248 -14.11 -3.56 -18.64
C ILE A 248 -15.54 -3.72 -19.06
N ASP A 249 -15.72 -4.67 -19.98
CA ASP A 249 -17.05 -4.98 -20.43
C ASP A 249 -17.71 -5.90 -19.40
N ALA A 250 -18.47 -5.28 -18.53
CA ALA A 250 -19.07 -5.99 -17.46
C ALA A 250 -20.35 -6.70 -17.88
N ASP A 251 -20.79 -6.55 -19.12
CA ASP A 251 -21.93 -7.32 -19.61
C ASP A 251 -21.39 -8.68 -20.10
N VAL A 252 -20.26 -8.65 -20.76
CA VAL A 252 -19.63 -9.88 -21.19
C VAL A 252 -19.00 -10.58 -20.01
N TRP A 253 -18.26 -9.84 -19.20
CA TRP A 253 -17.68 -10.43 -18.02
C TRP A 253 -18.68 -10.31 -16.81
N ASN A 254 -19.65 -11.23 -16.74
CA ASN A 254 -20.58 -11.21 -15.64
C ASN A 254 -20.68 -12.66 -15.29
N PRO A 255 -20.36 -13.00 -14.05
CA PRO A 255 -20.35 -14.39 -13.63
C PRO A 255 -21.78 -14.93 -13.66
N ALA A 256 -22.76 -14.04 -13.57
CA ALA A 256 -24.12 -14.49 -13.49
C ALA A 256 -24.67 -14.94 -14.83
N THR A 257 -24.00 -14.54 -15.90
CA THR A 257 -24.41 -14.90 -17.25
C THR A 257 -23.34 -15.48 -18.18
N ASP A 258 -22.09 -15.46 -17.79
CA ASP A 258 -20.98 -15.86 -18.68
C ASP A 258 -21.27 -17.24 -19.22
N HIS A 259 -21.26 -17.42 -20.54
CA HIS A 259 -21.47 -18.71 -21.12
C HIS A 259 -20.17 -19.53 -21.25
N LEU A 260 -19.01 -18.93 -20.97
CA LEU A 260 -17.75 -19.63 -21.07
C LEU A 260 -17.27 -20.25 -19.74
N ILE A 261 -18.15 -20.34 -18.74
CA ILE A 261 -17.80 -20.99 -17.48
C ILE A 261 -18.78 -22.15 -17.21
N HIS A 262 -18.44 -23.00 -16.25
CA HIS A 262 -19.22 -24.20 -15.92
C HIS A 262 -20.59 -23.91 -15.30
N ASP A 263 -20.62 -23.03 -14.31
CA ASP A 263 -21.86 -22.68 -13.62
C ASP A 263 -21.81 -21.20 -13.24
N ASN A 264 -22.95 -20.54 -13.36
CA ASN A 264 -23.11 -19.12 -13.12
C ASN A 264 -23.45 -18.84 -11.67
N TYR A 265 -23.09 -17.66 -11.20
CA TYR A 265 -23.28 -17.30 -9.81
C TYR A 265 -23.22 -15.80 -9.66
N SER A 266 -23.41 -15.29 -8.45
CA SER A 266 -23.40 -13.87 -8.27
C SER A 266 -23.03 -13.60 -6.84
N ALA A 267 -22.71 -12.35 -6.56
CA ALA A 267 -22.37 -11.94 -5.21
C ALA A 267 -23.44 -12.32 -4.25
N ALA A 268 -24.68 -12.19 -4.71
CA ALA A 268 -25.84 -12.52 -3.90
C ALA A 268 -25.90 -14.00 -3.59
N ASN A 269 -25.40 -14.80 -4.53
CA ASN A 269 -25.39 -16.24 -4.39
C ASN A 269 -24.15 -16.89 -4.95
N LEU A 270 -23.27 -17.30 -4.04
CA LEU A 270 -22.01 -17.89 -4.38
C LEU A 270 -21.91 -19.41 -4.41
N LYS A 271 -22.87 -20.12 -3.84
CA LYS A 271 -22.77 -21.58 -3.75
C LYS A 271 -22.19 -22.23 -5.01
N ASN A 272 -22.79 -21.90 -6.12
CA ASN A 272 -22.36 -22.41 -7.39
C ASN A 272 -20.90 -22.23 -7.77
N ARG A 273 -20.23 -21.27 -7.17
CA ARG A 273 -18.84 -21.01 -7.52
C ARG A 273 -17.92 -22.23 -7.44
N ALA A 274 -18.09 -23.03 -6.40
CA ALA A 274 -17.30 -24.25 -6.13
C ALA A 274 -17.32 -25.30 -7.23
N LEU A 275 -18.39 -25.27 -8.02
CA LEU A 275 -18.52 -26.16 -9.14
C LEU A 275 -17.51 -25.74 -10.19
N ASN A 276 -17.21 -24.46 -10.27
CA ASN A 276 -16.18 -24.04 -11.20
C ASN A 276 -14.79 -24.43 -10.68
N LYS A 277 -14.62 -24.56 -9.39
CA LYS A 277 -13.27 -24.83 -8.84
C LYS A 277 -12.92 -26.27 -9.25
N LYS A 278 -13.89 -27.15 -9.07
CA LYS A 278 -13.79 -28.55 -9.50
C LYS A 278 -13.37 -28.62 -10.96
N ALA A 279 -14.14 -27.95 -11.81
CA ALA A 279 -13.87 -27.96 -13.24
C ALA A 279 -12.44 -27.46 -13.55
N VAL A 280 -11.98 -26.44 -12.86
CA VAL A 280 -10.63 -25.98 -13.10
C VAL A 280 -9.62 -27.08 -12.77
N ALA A 281 -9.82 -27.75 -11.65
CA ALA A 281 -8.87 -28.82 -11.30
C ALA A 281 -8.97 -29.95 -12.33
N GLU A 282 -10.17 -30.27 -12.74
CA GLU A 282 -10.32 -31.33 -13.69
C GLU A 282 -9.61 -30.98 -14.98
N HIS A 283 -9.74 -29.73 -15.39
CA HIS A 283 -9.17 -29.33 -16.66
C HIS A 283 -7.67 -29.40 -16.58
N PHE A 284 -7.10 -28.98 -15.46
CA PHE A 284 -5.65 -28.98 -15.35
C PHE A 284 -5.10 -30.34 -14.94
N ARG A 285 -5.99 -31.29 -14.68
CA ARG A 285 -5.59 -32.66 -14.29
C ARG A 285 -4.86 -32.74 -12.93
N ILE A 286 -5.27 -31.92 -11.97
CA ILE A 286 -4.67 -31.87 -10.62
C ILE A 286 -5.66 -32.34 -9.54
N ASP A 287 -5.21 -32.46 -8.30
CA ASP A 287 -6.13 -32.86 -7.24
C ASP A 287 -7.33 -31.91 -7.18
N ASP A 288 -8.48 -32.44 -6.79
CA ASP A 288 -9.71 -31.69 -6.65
C ASP A 288 -10.10 -31.75 -5.22
N ASP A 289 -9.80 -30.70 -4.46
CA ASP A 289 -10.06 -30.71 -3.04
C ASP A 289 -10.40 -29.30 -2.56
N GLY A 290 -10.57 -29.15 -1.25
CA GLY A 290 -10.93 -27.88 -0.65
C GLY A 290 -9.81 -26.91 -0.28
N SER A 291 -8.59 -27.27 -0.66
CA SER A 291 -7.43 -26.44 -0.37
C SER A 291 -7.36 -25.20 -1.30
N PRO A 292 -6.64 -24.17 -0.90
CA PRO A 292 -6.52 -22.94 -1.67
C PRO A 292 -6.09 -23.18 -3.09
N LEU A 293 -6.80 -22.62 -4.04
CA LEU A 293 -6.42 -22.76 -5.41
C LEU A 293 -6.05 -21.43 -6.01
N PHE A 294 -4.76 -21.24 -6.21
CA PHE A 294 -4.20 -20.04 -6.82
C PHE A 294 -4.07 -20.21 -8.33
N CYS A 295 -4.21 -19.10 -9.08
CA CYS A 295 -3.94 -19.12 -10.51
C CYS A 295 -3.13 -17.91 -10.93
N VAL A 296 -2.57 -18.00 -12.14
CA VAL A 296 -1.80 -16.97 -12.75
C VAL A 296 -2.30 -17.05 -14.18
N ILE A 297 -2.59 -15.92 -14.76
CA ILE A 297 -3.09 -15.83 -16.11
C ILE A 297 -2.39 -14.63 -16.72
N SER A 298 -1.18 -14.83 -17.19
CA SER A 298 -0.42 -13.73 -17.75
C SER A 298 0.74 -14.16 -18.59
N ARG A 299 1.26 -13.17 -19.31
CA ARG A 299 2.42 -13.33 -20.09
C ARG A 299 3.51 -13.74 -19.10
N LEU A 300 4.33 -14.70 -19.49
CA LEU A 300 5.38 -15.15 -18.59
C LEU A 300 6.65 -14.37 -18.87
N THR A 301 6.79 -13.24 -18.16
CA THR A 301 7.95 -12.40 -18.36
C THR A 301 8.38 -11.77 -17.09
N TRP A 302 9.57 -11.21 -17.16
CA TRP A 302 10.15 -10.44 -16.09
C TRP A 302 9.26 -9.24 -15.84
N GLN A 303 8.61 -8.70 -16.88
CA GLN A 303 7.80 -7.50 -16.66
C GLN A 303 6.63 -7.80 -15.75
N LYS A 304 6.11 -9.02 -15.88
CA LYS A 304 4.95 -9.45 -15.13
C LYS A 304 5.36 -10.16 -13.85
N GLY A 305 6.64 -10.14 -13.54
CA GLY A 305 7.08 -10.68 -12.26
C GLY A 305 6.97 -12.20 -12.13
N ILE A 306 6.80 -12.86 -13.27
CA ILE A 306 6.65 -14.28 -13.29
C ILE A 306 8.04 -14.93 -12.86
N ASP A 307 9.11 -14.16 -12.93
CA ASP A 307 10.36 -14.67 -12.43
C ASP A 307 10.18 -14.88 -10.93
N LEU A 308 9.39 -14.01 -10.31
CA LEU A 308 9.20 -14.14 -8.89
C LEU A 308 8.19 -15.24 -8.61
N MET A 309 7.25 -15.44 -9.52
CA MET A 309 6.20 -16.42 -9.32
C MET A 309 6.81 -17.81 -9.37
N ALA A 310 7.88 -18.00 -10.15
CA ALA A 310 8.53 -19.34 -10.24
C ALA A 310 9.28 -19.69 -8.95
N GLU A 311 9.90 -18.71 -8.32
CA GLU A 311 10.59 -18.99 -7.07
C GLU A 311 9.61 -19.05 -5.88
N ALA A 312 8.32 -18.92 -6.15
CA ALA A 312 7.29 -18.82 -5.12
C ALA A 312 6.29 -19.99 -5.15
N VAL A 313 6.40 -20.86 -6.15
CA VAL A 313 5.56 -22.03 -6.19
C VAL A 313 5.71 -22.95 -4.95
N ASP A 314 6.95 -23.28 -4.59
CA ASP A 314 7.16 -24.14 -3.45
C ASP A 314 6.47 -23.58 -2.22
N GLU A 315 6.46 -22.26 -2.07
CA GLU A 315 5.79 -21.64 -0.94
C GLU A 315 4.29 -21.96 -0.95
N ILE A 316 3.64 -21.84 -2.11
CA ILE A 316 2.24 -22.22 -2.26
C ILE A 316 1.98 -23.69 -1.82
N VAL A 317 2.67 -24.62 -2.47
CA VAL A 317 2.52 -26.03 -2.20
C VAL A 317 2.80 -26.37 -0.73
N SER A 318 3.91 -25.87 -0.26
CA SER A 318 4.33 -26.03 1.13
C SER A 318 3.19 -25.64 2.11
N LEU A 319 2.44 -24.58 1.78
CA LEU A 319 1.28 -24.12 2.57
C LEU A 319 -0.04 -24.98 2.45
N GLY A 320 -0.06 -25.95 1.53
CA GLY A 320 -1.23 -26.80 1.35
C GLY A 320 -1.96 -26.36 0.08
N GLY A 321 -1.48 -25.31 -0.57
CA GLY A 321 -2.16 -24.82 -1.75
C GLY A 321 -1.77 -25.45 -3.07
N ARG A 322 -2.57 -25.10 -4.07
CA ARG A 322 -2.42 -25.51 -5.46
C ARG A 322 -2.21 -24.32 -6.37
N LEU A 323 -1.66 -24.56 -7.53
CA LEU A 323 -1.47 -23.50 -8.46
C LEU A 323 -1.70 -23.97 -9.86
N VAL A 324 -2.44 -23.15 -10.61
CA VAL A 324 -2.65 -23.38 -12.04
C VAL A 324 -2.25 -22.12 -12.82
N VAL A 325 -1.54 -22.34 -13.93
CA VAL A 325 -0.97 -21.27 -14.71
C VAL A 325 -1.33 -21.41 -16.16
N LEU A 326 -1.82 -20.30 -16.71
CA LEU A 326 -2.18 -20.17 -18.11
C LEU A 326 -1.39 -18.98 -18.60
N GLY A 327 -0.54 -19.14 -19.59
CA GLY A 327 0.17 -17.99 -20.10
C GLY A 327 1.34 -18.44 -20.88
N ALA A 328 1.93 -17.54 -21.65
CA ALA A 328 3.09 -17.82 -22.48
C ALA A 328 4.16 -16.73 -22.31
N GLY A 329 5.41 -17.03 -22.66
CA GLY A 329 6.49 -16.06 -22.59
C GLY A 329 7.92 -16.65 -22.56
N ASP A 330 8.84 -15.87 -21.99
CA ASP A 330 10.22 -16.26 -21.70
C ASP A 330 10.36 -17.80 -21.54
N VAL A 331 11.00 -18.44 -22.51
CA VAL A 331 11.07 -19.88 -22.44
C VAL A 331 11.76 -20.37 -21.15
N ALA A 332 12.67 -19.58 -20.58
CA ALA A 332 13.28 -19.98 -19.31
C ALA A 332 12.26 -19.97 -18.17
N LEU A 333 11.29 -19.06 -18.22
CA LEU A 333 10.23 -19.02 -17.21
C LEU A 333 9.20 -20.14 -17.45
N GLU A 334 8.85 -20.38 -18.70
CA GLU A 334 7.95 -21.47 -19.01
C GLU A 334 8.53 -22.73 -18.37
N GLY A 335 9.78 -23.02 -18.73
CA GLY A 335 10.46 -24.22 -18.26
C GLY A 335 10.43 -24.35 -16.75
N ALA A 336 10.88 -23.32 -16.05
CA ALA A 336 10.95 -23.40 -14.60
C ALA A 336 9.56 -23.65 -14.05
N LEU A 337 8.54 -23.14 -14.76
CA LEU A 337 7.17 -23.37 -14.38
C LEU A 337 6.79 -24.81 -14.67
N LEU A 338 6.94 -25.22 -15.92
CA LEU A 338 6.73 -26.64 -16.29
C LEU A 338 7.43 -27.58 -15.33
N ALA A 339 8.67 -27.26 -14.98
CA ALA A 339 9.42 -28.05 -14.02
C ALA A 339 8.72 -28.10 -12.65
N ALA A 340 8.09 -26.99 -12.25
CA ALA A 340 7.40 -26.97 -10.97
C ALA A 340 6.23 -27.93 -11.05
N ALA A 341 5.64 -28.04 -12.22
CA ALA A 341 4.46 -28.90 -12.38
C ALA A 341 4.83 -30.37 -12.16
N SER A 342 6.02 -30.79 -12.57
CA SER A 342 6.43 -32.17 -12.33
C SER A 342 6.92 -32.39 -10.89
N ARG A 343 7.74 -31.48 -10.40
CA ARG A 343 8.23 -31.64 -9.05
C ARG A 343 7.03 -31.65 -8.09
N HIS A 344 6.01 -30.84 -8.35
CA HIS A 344 4.85 -30.86 -7.48
C HIS A 344 3.62 -31.44 -8.23
N HIS A 345 3.81 -32.57 -8.89
CA HIS A 345 2.72 -33.22 -9.65
C HIS A 345 1.47 -33.41 -8.78
N GLY A 346 0.32 -33.11 -9.37
CA GLY A 346 -0.96 -33.16 -8.68
C GLY A 346 -1.30 -31.85 -7.97
N ARG A 347 -0.33 -30.98 -7.77
CA ARG A 347 -0.61 -29.76 -7.01
C ARG A 347 -0.43 -28.51 -7.85
N VAL A 348 0.31 -28.61 -8.94
CA VAL A 348 0.59 -27.48 -9.77
C VAL A 348 0.38 -27.90 -11.19
N GLY A 349 -0.38 -27.13 -11.93
CA GLY A 349 -0.67 -27.45 -13.30
C GLY A 349 -0.36 -26.21 -14.10
N VAL A 350 0.43 -26.39 -15.15
CA VAL A 350 0.82 -25.30 -16.04
C VAL A 350 0.28 -25.63 -17.41
N ALA A 351 -0.18 -24.61 -18.12
CA ALA A 351 -0.70 -24.72 -19.48
C ALA A 351 -0.15 -23.56 -20.30
N ILE A 352 0.73 -23.88 -21.24
CA ILE A 352 1.37 -22.88 -22.06
C ILE A 352 0.64 -22.66 -23.38
N GLY A 353 0.36 -21.38 -23.63
CA GLY A 353 -0.38 -20.95 -24.80
C GLY A 353 -1.43 -19.91 -24.50
N TYR A 354 -2.37 -19.75 -25.43
CA TYR A 354 -3.49 -18.82 -25.34
C TYR A 354 -4.79 -19.60 -25.24
N ASN A 355 -5.70 -19.13 -24.38
CA ASN A 355 -6.98 -19.78 -24.17
C ASN A 355 -7.96 -18.90 -23.38
N GLU A 356 -8.71 -18.09 -24.12
CA GLU A 356 -9.70 -17.18 -23.57
C GLU A 356 -10.86 -17.86 -22.80
N PRO A 357 -11.46 -18.92 -23.31
CA PRO A 357 -12.52 -19.54 -22.52
C PRO A 357 -12.02 -20.04 -21.18
N LEU A 358 -10.83 -20.66 -21.14
CA LEU A 358 -10.30 -21.19 -19.91
C LEU A 358 -10.05 -20.11 -18.89
N SER A 359 -9.76 -18.95 -19.42
CA SER A 359 -9.44 -17.76 -18.69
C SER A 359 -10.67 -17.31 -17.95
N HIS A 360 -11.81 -17.43 -18.57
CA HIS A 360 -13.04 -17.12 -17.90
C HIS A 360 -13.28 -18.18 -16.83
N LEU A 361 -13.01 -19.45 -17.12
CA LEU A 361 -13.26 -20.51 -16.12
C LEU A 361 -12.30 -20.38 -14.91
N MET A 362 -11.07 -20.03 -15.16
CA MET A 362 -10.13 -19.88 -14.05
C MET A 362 -10.57 -18.74 -13.12
N GLN A 363 -11.02 -17.59 -13.66
CA GLN A 363 -11.51 -16.51 -12.83
C GLN A 363 -12.72 -16.97 -11.99
N ALA A 364 -13.56 -17.80 -12.55
CA ALA A 364 -14.74 -18.29 -11.89
C ALA A 364 -14.50 -19.38 -10.84
N GLY A 365 -13.40 -20.15 -10.94
CA GLY A 365 -13.19 -21.29 -10.08
C GLY A 365 -11.97 -21.29 -9.18
N CYS A 366 -10.99 -20.44 -9.46
CA CYS A 366 -9.85 -20.38 -8.56
C CYS A 366 -10.15 -19.45 -7.40
N ASP A 367 -9.44 -19.61 -6.30
CA ASP A 367 -9.66 -18.81 -5.13
C ASP A 367 -8.93 -17.46 -5.12
N ALA A 368 -7.78 -17.42 -5.75
CA ALA A 368 -6.97 -16.20 -5.84
C ALA A 368 -6.10 -16.24 -7.10
N ILE A 369 -5.74 -15.05 -7.56
CA ILE A 369 -4.95 -14.90 -8.73
C ILE A 369 -3.81 -13.97 -8.36
N ILE A 370 -2.62 -14.44 -8.74
CA ILE A 370 -1.35 -13.80 -8.45
C ILE A 370 -0.91 -12.99 -9.64
N ILE A 371 -0.72 -11.68 -9.39
CA ILE A 371 -0.34 -10.69 -10.43
C ILE A 371 0.83 -9.88 -9.92
N PRO A 372 2.00 -10.48 -9.92
CA PRO A 372 3.20 -9.87 -9.31
C PRO A 372 3.97 -8.91 -10.25
N SER A 373 3.28 -8.20 -11.12
CA SER A 373 3.90 -7.31 -12.09
C SER A 373 4.84 -6.25 -11.57
N ARG A 374 5.86 -5.98 -12.38
CA ARG A 374 6.74 -4.90 -12.10
C ARG A 374 6.28 -3.76 -12.98
N PHE A 375 5.55 -4.08 -14.04
CA PHE A 375 5.05 -3.06 -14.96
C PHE A 375 3.60 -3.35 -15.30
N GLU A 376 2.72 -2.38 -15.07
CA GLU A 376 1.29 -2.52 -15.30
C GLU A 376 0.60 -1.17 -15.30
N PRO A 377 0.62 -0.50 -16.45
CA PRO A 377 -0.07 0.77 -16.64
C PRO A 377 -1.49 0.76 -16.05
N CYS A 378 -2.25 -0.30 -16.32
CA CYS A 378 -3.53 -0.44 -15.71
C CYS A 378 -3.78 -1.86 -15.28
N GLY A 379 -3.95 -2.74 -16.23
CA GLY A 379 -4.21 -4.14 -15.94
C GLY A 379 -5.67 -4.48 -16.03
N LEU A 380 -6.01 -5.67 -16.56
CA LEU A 380 -7.40 -6.12 -16.70
C LEU A 380 -7.72 -7.29 -15.78
N THR A 381 -6.70 -8.09 -15.55
CA THR A 381 -6.85 -9.32 -14.81
C THR A 381 -7.41 -9.26 -13.41
N GLN A 382 -6.98 -8.25 -12.65
CA GLN A 382 -7.50 -7.97 -11.31
C GLN A 382 -8.96 -7.46 -11.30
N LEU A 383 -9.39 -6.82 -12.39
CA LEU A 383 -10.74 -6.26 -12.54
C LEU A 383 -11.74 -7.41 -12.80
N TYR A 384 -11.32 -8.33 -13.62
CA TYR A 384 -12.11 -9.51 -13.88
C TYR A 384 -12.21 -10.34 -12.60
N ALA A 385 -11.10 -10.44 -11.84
CA ALA A 385 -11.07 -11.22 -10.63
C ALA A 385 -12.08 -10.71 -9.57
N LEU A 386 -12.05 -9.42 -9.34
CA LEU A 386 -13.03 -8.76 -8.44
C LEU A 386 -14.43 -9.13 -8.89
N ARG A 387 -14.70 -8.92 -10.18
CA ARG A 387 -16.01 -9.19 -10.74
C ARG A 387 -16.43 -10.60 -10.50
N TYR A 388 -15.45 -11.47 -10.61
CA TYR A 388 -15.74 -12.88 -10.54
C TYR A 388 -15.59 -13.49 -9.15
N GLY A 389 -15.18 -12.72 -8.17
CA GLY A 389 -15.04 -13.29 -6.84
C GLY A 389 -13.79 -14.13 -6.63
N CYS A 390 -12.79 -13.89 -7.46
CA CYS A 390 -11.47 -14.46 -7.35
C CYS A 390 -10.64 -13.34 -6.73
N ILE A 391 -10.06 -13.56 -5.57
CA ILE A 391 -9.31 -12.55 -4.84
C ILE A 391 -7.95 -12.28 -5.47
N PRO A 392 -7.73 -11.04 -5.84
CA PRO A 392 -6.47 -10.65 -6.41
C PRO A 392 -5.37 -10.47 -5.40
N VAL A 393 -4.19 -10.98 -5.73
CA VAL A 393 -3.03 -10.91 -4.88
C VAL A 393 -2.05 -10.24 -5.84
N VAL A 394 -1.83 -8.95 -5.65
CA VAL A 394 -1.13 -8.15 -6.64
C VAL A 394 0.00 -7.30 -6.13
N ALA A 395 1.01 -7.09 -6.97
CA ALA A 395 2.08 -6.17 -6.60
C ALA A 395 1.54 -4.73 -6.64
N ARG A 396 2.08 -3.84 -5.78
CA ARG A 396 1.64 -2.45 -5.82
C ARG A 396 2.37 -1.77 -6.92
N THR A 397 1.92 -1.97 -8.12
CA THR A 397 2.53 -1.31 -9.23
C THR A 397 1.42 -0.83 -10.14
N GLY A 398 1.55 0.40 -10.62
CA GLY A 398 0.61 1.00 -11.54
C GLY A 398 -0.85 0.76 -11.16
N GLY A 399 -1.62 0.28 -12.12
CA GLY A 399 -3.03 0.07 -11.93
C GLY A 399 -3.38 -0.89 -10.82
N LEU A 400 -2.53 -1.87 -10.60
CA LEU A 400 -2.76 -2.81 -9.57
C LEU A 400 -2.81 -2.10 -8.21
N ALA A 401 -1.97 -1.12 -8.00
CA ALA A 401 -1.98 -0.39 -6.74
C ALA A 401 -3.24 0.46 -6.59
N ASP A 402 -3.98 0.74 -7.66
CA ASP A 402 -5.12 1.61 -7.60
C ASP A 402 -6.45 0.90 -7.46
N THR A 403 -6.50 -0.37 -7.76
CA THR A 403 -7.77 -1.04 -7.87
C THR A 403 -8.09 -2.19 -6.92
N VAL A 404 -7.25 -2.37 -5.94
CA VAL A 404 -7.45 -3.40 -4.98
C VAL A 404 -7.33 -2.73 -3.65
N ILE A 405 -8.25 -3.05 -2.72
CA ILE A 405 -8.15 -2.54 -1.37
C ILE A 405 -7.50 -3.60 -0.50
N ASP A 406 -6.27 -3.31 -0.10
CA ASP A 406 -5.46 -4.27 0.63
C ASP A 406 -6.09 -4.64 1.96
N ALA A 407 -5.94 -5.91 2.30
CA ALA A 407 -6.47 -6.47 3.53
C ALA A 407 -5.50 -6.30 4.67
N ASN A 408 -5.40 -5.05 5.14
CA ASN A 408 -4.60 -4.72 6.28
C ASN A 408 -5.53 -4.70 7.47
N HIS A 409 -4.93 -4.62 8.63
CA HIS A 409 -5.70 -4.57 9.81
C HIS A 409 -6.89 -3.61 9.69
N ALA A 410 -6.67 -2.40 9.20
CA ALA A 410 -7.73 -1.41 9.19
C ALA A 410 -8.84 -1.76 8.25
N ALA A 411 -8.51 -2.26 7.10
CA ALA A 411 -9.48 -2.57 6.09
C ALA A 411 -10.35 -3.80 6.50
N LEU A 412 -9.71 -4.76 7.17
CA LEU A 412 -10.42 -5.88 7.66
C LEU A 412 -11.29 -5.46 8.79
N ALA A 413 -10.89 -4.47 9.57
CA ALA A 413 -11.71 -4.04 10.69
C ALA A 413 -12.97 -3.32 10.22
N SER A 414 -12.89 -2.62 9.10
CA SER A 414 -14.06 -1.95 8.58
C SER A 414 -14.69 -2.80 7.50
N LYS A 415 -14.12 -3.97 7.26
CA LYS A 415 -14.63 -4.87 6.27
C LYS A 415 -14.73 -4.18 4.95
N ALA A 416 -13.65 -3.51 4.57
CA ALA A 416 -13.58 -2.84 3.30
C ALA A 416 -12.57 -3.43 2.34
N ALA A 417 -11.79 -4.40 2.78
CA ALA A 417 -10.73 -5.03 2.00
C ALA A 417 -11.24 -5.88 0.82
N THR A 418 -10.58 -5.78 -0.33
CA THR A 418 -10.93 -6.66 -1.43
C THR A 418 -9.81 -7.60 -1.90
N GLY A 419 -8.63 -7.44 -1.41
CA GLY A 419 -7.59 -8.30 -1.93
C GLY A 419 -6.33 -8.06 -1.20
N VAL A 420 -5.23 -8.60 -1.71
CA VAL A 420 -3.93 -8.52 -1.11
C VAL A 420 -2.90 -7.80 -1.99
N GLN A 421 -2.26 -6.73 -1.51
CA GLN A 421 -1.22 -6.06 -2.27
C GLN A 421 0.06 -6.22 -1.51
N PHE A 422 1.18 -6.21 -2.23
CA PHE A 422 2.48 -6.28 -1.59
C PHE A 422 3.50 -5.37 -2.29
N SER A 423 4.42 -4.84 -1.52
CA SER A 423 5.48 -4.00 -2.00
C SER A 423 6.55 -4.09 -0.95
N PRO A 424 7.82 -4.03 -1.33
CA PRO A 424 8.24 -3.83 -2.71
C PRO A 424 7.97 -5.09 -3.43
N VAL A 425 8.26 -5.10 -4.72
CA VAL A 425 7.97 -6.23 -5.56
C VAL A 425 9.15 -7.13 -5.55
N THR A 426 9.24 -7.99 -4.55
CA THR A 426 10.33 -8.95 -4.40
C THR A 426 9.78 -10.31 -4.07
N LEU A 427 10.66 -11.27 -4.04
CA LEU A 427 10.24 -12.61 -3.71
C LEU A 427 9.75 -12.63 -2.26
N ASP A 428 10.48 -11.96 -1.38
CA ASP A 428 10.12 -11.89 0.04
C ASP A 428 8.70 -11.28 0.15
N GLY A 429 8.48 -10.20 -0.58
CA GLY A 429 7.20 -9.52 -0.54
C GLY A 429 6.11 -10.41 -1.07
N LEU A 430 6.44 -11.19 -2.10
CA LEU A 430 5.50 -12.10 -2.70
C LEU A 430 5.14 -13.27 -1.78
N LYS A 431 6.14 -13.91 -1.16
CA LYS A 431 5.86 -15.01 -0.30
C LYS A 431 5.00 -14.55 0.89
N GLN A 432 5.24 -13.31 1.29
CA GLN A 432 4.51 -12.71 2.38
C GLN A 432 3.05 -12.53 1.98
N ALA A 433 2.83 -12.05 0.79
CA ALA A 433 1.50 -11.85 0.29
C ALA A 433 0.75 -13.17 0.26
N ILE A 434 1.43 -14.20 -0.22
CA ILE A 434 0.85 -15.51 -0.40
C ILE A 434 0.42 -16.05 0.93
N ARG A 435 1.34 -15.98 1.92
CA ARG A 435 1.07 -16.53 3.23
C ARG A 435 -0.15 -15.90 3.79
N ARG A 436 -0.25 -14.61 3.57
CA ARG A 436 -1.35 -13.87 4.11
C ARG A 436 -2.66 -14.36 3.54
N THR A 437 -2.66 -14.53 2.24
CA THR A 437 -3.82 -15.01 1.51
C THR A 437 -4.38 -16.35 2.04
N VAL A 438 -3.47 -17.28 2.30
CA VAL A 438 -3.80 -18.58 2.84
C VAL A 438 -4.35 -18.42 4.24
N ARG A 439 -3.71 -17.60 5.04
CA ARG A 439 -4.28 -17.38 6.35
C ARG A 439 -5.71 -16.86 6.18
N TYR A 440 -5.92 -15.89 5.30
CA TYR A 440 -7.28 -15.35 5.05
C TYR A 440 -8.27 -16.40 4.57
N TYR A 441 -7.83 -17.24 3.66
CA TYR A 441 -8.64 -18.29 3.13
C TYR A 441 -9.19 -19.22 4.20
N HIS A 442 -8.37 -19.52 5.21
CA HIS A 442 -8.80 -20.40 6.28
C HIS A 442 -9.71 -19.69 7.32
N ASP A 443 -10.18 -18.49 6.99
CA ASP A 443 -11.14 -17.76 7.80
C ASP A 443 -12.29 -17.41 6.83
N PRO A 444 -13.19 -18.37 6.66
CA PRO A 444 -14.24 -18.26 5.65
C PRO A 444 -15.11 -17.04 5.76
N LYS A 445 -15.48 -16.63 6.96
CA LYS A 445 -16.36 -15.46 7.12
C LYS A 445 -15.68 -14.24 6.53
N LEU A 446 -14.36 -14.16 6.72
CA LEU A 446 -13.57 -13.05 6.18
C LEU A 446 -13.42 -13.17 4.65
N TRP A 447 -13.00 -14.33 4.21
CA TRP A 447 -12.82 -14.56 2.82
C TRP A 447 -14.10 -14.30 1.99
N THR A 448 -15.25 -14.83 2.40
CA THR A 448 -16.40 -14.67 1.56
C THR A 448 -16.83 -13.23 1.53
N GLN A 449 -16.59 -12.56 2.62
CA GLN A 449 -16.90 -11.17 2.70
C GLN A 449 -16.04 -10.39 1.73
N MET A 450 -14.75 -10.73 1.62
CA MET A 450 -13.89 -10.05 0.69
C MET A 450 -14.40 -10.25 -0.72
N GLN A 451 -14.90 -11.43 -0.97
CA GLN A 451 -15.35 -11.77 -2.29
C GLN A 451 -16.58 -10.94 -2.68
N LYS A 452 -17.57 -10.96 -1.85
CA LYS A 452 -18.82 -10.26 -2.08
C LYS A 452 -18.55 -8.79 -2.34
N LEU A 453 -17.63 -8.19 -1.58
CA LEU A 453 -17.30 -6.81 -1.79
C LEU A 453 -16.62 -6.60 -3.12
N GLY A 454 -15.66 -7.44 -3.42
CA GLY A 454 -14.95 -7.26 -4.66
C GLY A 454 -15.92 -7.37 -5.81
N MET A 455 -16.85 -8.30 -5.67
CA MET A 455 -17.85 -8.55 -6.69
C MET A 455 -18.85 -7.42 -6.92
N LYS A 456 -18.99 -6.53 -5.97
CA LYS A 456 -19.85 -5.38 -6.17
C LYS A 456 -19.03 -4.16 -6.64
N SER A 457 -17.75 -4.30 -6.90
CA SER A 457 -16.99 -3.12 -7.37
C SER A 457 -17.40 -2.71 -8.75
N ASP A 458 -17.57 -1.43 -8.98
CA ASP A 458 -17.97 -1.02 -10.33
C ASP A 458 -16.70 -0.90 -11.15
N VAL A 459 -16.49 -1.85 -12.05
CA VAL A 459 -15.26 -1.89 -12.80
C VAL A 459 -15.62 -1.69 -14.26
N SER A 460 -16.88 -1.30 -14.50
CA SER A 460 -17.37 -1.06 -15.85
C SER A 460 -16.73 0.14 -16.61
N TRP A 461 -16.82 0.10 -17.92
CA TRP A 461 -16.34 1.20 -18.72
C TRP A 461 -17.11 2.49 -18.41
N GLU A 462 -18.40 2.38 -18.18
CA GLU A 462 -19.19 3.57 -17.89
C GLU A 462 -18.69 4.39 -16.71
N LYS A 463 -18.24 3.67 -15.68
CA LYS A 463 -17.67 4.30 -14.51
C LYS A 463 -16.40 5.02 -14.91
N SER A 464 -15.54 4.32 -15.62
CA SER A 464 -14.32 4.93 -16.14
C SER A 464 -14.63 6.11 -17.06
N ALA A 465 -15.63 5.92 -17.93
CA ALA A 465 -16.02 6.99 -18.81
C ALA A 465 -16.56 8.23 -18.02
N GLY A 466 -17.29 8.01 -16.94
CA GLY A 466 -17.73 9.14 -16.14
C GLY A 466 -16.58 10.01 -15.65
N LEU A 467 -15.41 9.43 -15.44
CA LEU A 467 -14.29 10.20 -14.96
C LEU A 467 -13.66 11.04 -16.09
N TYR A 468 -13.71 10.52 -17.32
CA TYR A 468 -13.24 11.25 -18.48
C TYR A 468 -14.15 12.44 -18.76
N ALA A 469 -15.44 12.26 -18.60
CA ALA A 469 -16.43 13.31 -18.82
C ALA A 469 -16.23 14.49 -17.90
N ALA A 470 -15.99 14.20 -16.63
CA ALA A 470 -15.75 15.23 -15.65
C ALA A 470 -14.55 16.06 -16.04
N LEU A 471 -13.52 15.37 -16.54
CA LEU A 471 -12.30 15.98 -17.04
C LEU A 471 -12.57 16.80 -18.32
N TYR A 472 -13.27 16.19 -19.29
CA TYR A 472 -13.67 16.84 -20.51
C TYR A 472 -14.38 18.12 -20.17
N SER A 473 -15.44 18.03 -19.37
CA SER A 473 -16.23 19.20 -19.01
C SER A 473 -15.38 20.22 -18.28
N GLN A 474 -14.41 19.75 -17.51
CA GLN A 474 -13.48 20.62 -16.83
C GLN A 474 -12.54 21.34 -17.82
N LEU A 475 -12.03 20.61 -18.82
CA LEU A 475 -11.17 21.19 -19.79
C LEU A 475 -12.01 22.13 -20.61
N ILE A 476 -13.19 21.72 -21.04
CA ILE A 476 -14.01 22.66 -21.80
C ILE A 476 -14.49 23.81 -20.87
N SER A 477 -13.84 23.95 -19.72
CA SER A 477 -14.15 24.98 -18.71
C SER A 477 -15.47 24.73 -18.03
N MET B 1 -9.89 -15.50 33.15
CA MET B 1 -8.58 -16.19 33.05
C MET B 1 -7.44 -15.44 33.70
N ASN B 2 -6.39 -16.17 34.03
CA ASN B 2 -5.23 -15.63 34.69
C ASN B 2 -3.99 -15.76 33.88
N VAL B 3 -3.26 -14.66 33.79
CA VAL B 3 -2.07 -14.57 32.96
C VAL B 3 -1.01 -13.93 33.79
N LEU B 4 0.23 -14.41 33.66
CA LEU B 4 1.35 -13.81 34.35
C LEU B 4 2.11 -12.98 33.35
N SER B 5 2.21 -11.67 33.59
CA SER B 5 2.91 -10.77 32.67
C SER B 5 4.29 -10.56 33.20
N VAL B 6 5.26 -10.42 32.33
CA VAL B 6 6.64 -10.28 32.78
C VAL B 6 7.35 -9.27 31.92
N SER B 7 7.87 -8.23 32.56
CA SER B 7 8.63 -7.21 31.89
C SER B 7 9.53 -6.50 32.85
N SER B 8 10.61 -5.99 32.29
CA SER B 8 11.56 -5.18 33.05
C SER B 8 11.05 -3.79 33.26
N GLU B 9 9.83 -3.51 32.86
CA GLU B 9 9.28 -2.15 33.07
C GLU B 9 7.79 -2.09 32.76
N ILE B 10 7.15 -1.05 33.29
CA ILE B 10 5.72 -0.89 33.16
C ILE B 10 5.30 0.51 33.60
N TYR B 11 4.71 1.25 32.67
CA TYR B 11 4.25 2.59 32.91
C TYR B 11 3.09 2.56 33.85
N PRO B 12 2.99 3.53 34.75
CA PRO B 12 3.98 4.60 34.89
C PRO B 12 5.00 4.39 36.03
N LEU B 13 5.27 3.16 36.44
CA LEU B 13 6.24 3.02 37.52
C LEU B 13 7.62 3.34 36.98
N ILE B 14 7.95 2.76 35.85
CA ILE B 14 9.27 2.95 35.30
C ILE B 14 9.18 2.75 33.79
N LYS B 15 9.89 3.59 33.04
CA LYS B 15 9.83 3.56 31.58
C LYS B 15 11.10 4.02 30.90
N THR B 16 11.58 3.24 29.93
CA THR B 16 12.71 3.69 29.13
C THR B 16 12.29 3.83 27.68
N GLY B 17 11.21 3.16 27.31
CA GLY B 17 10.66 3.21 25.97
C GLY B 17 9.22 2.72 25.89
N GLY B 18 8.71 2.64 24.68
CA GLY B 18 7.32 2.24 24.45
C GLY B 18 6.90 0.93 25.08
N LEU B 19 7.90 0.10 25.38
CA LEU B 19 7.69 -1.19 25.99
C LEU B 19 6.77 -0.99 27.18
N ALA B 20 7.12 -0.02 28.00
CA ALA B 20 6.41 0.29 29.23
C ALA B 20 4.95 0.65 29.01
N ASP B 21 4.69 1.34 27.91
CA ASP B 21 3.33 1.81 27.72
C ASP B 21 2.44 0.63 27.34
N VAL B 22 2.94 -0.32 26.58
CA VAL B 22 2.14 -1.46 26.17
C VAL B 22 1.89 -2.32 27.36
N VAL B 23 2.97 -2.58 28.09
CA VAL B 23 2.91 -3.40 29.29
C VAL B 23 2.02 -2.70 30.30
N GLY B 24 2.06 -1.39 30.40
CA GLY B 24 1.23 -0.71 31.38
C GLY B 24 -0.23 -0.61 30.98
N ALA B 25 -0.54 -0.63 29.69
CA ALA B 25 -1.93 -0.43 29.25
C ALA B 25 -2.68 -1.74 28.95
N LEU B 26 -1.99 -2.74 28.47
CA LEU B 26 -2.65 -3.98 28.12
C LEU B 26 -3.42 -4.57 29.28
N PRO B 27 -2.80 -4.69 30.46
CA PRO B 27 -3.45 -5.38 31.56
C PRO B 27 -4.75 -4.69 31.88
N ILE B 28 -4.72 -3.38 31.95
CA ILE B 28 -5.95 -2.70 32.32
C ILE B 28 -7.04 -3.02 31.30
N ALA B 29 -6.80 -2.74 30.02
CA ALA B 29 -7.76 -3.01 28.96
C ALA B 29 -8.21 -4.49 28.93
N LEU B 30 -7.32 -5.40 29.25
CA LEU B 30 -7.66 -6.83 29.22
C LEU B 30 -8.74 -7.21 30.26
N GLU B 31 -8.96 -6.36 31.26
CA GLU B 31 -9.98 -6.64 32.26
C GLU B 31 -11.39 -6.64 31.68
N ALA B 32 -11.56 -5.98 30.53
CA ALA B 32 -12.87 -5.92 29.90
C ALA B 32 -13.16 -7.21 29.14
N HIS B 33 -12.16 -8.07 28.95
CA HIS B 33 -12.40 -9.32 28.23
C HIS B 33 -12.31 -10.54 29.11
N GLY B 34 -12.44 -10.32 30.42
CA GLY B 34 -12.47 -11.37 31.41
C GLY B 34 -11.10 -11.89 31.83
N VAL B 35 -10.08 -11.09 31.62
CA VAL B 35 -8.73 -11.55 31.89
C VAL B 35 -8.15 -10.83 33.08
N ARG B 36 -7.66 -11.58 34.04
CA ARG B 36 -6.97 -11.01 35.16
C ARG B 36 -5.49 -11.12 34.89
N THR B 37 -4.81 -10.00 34.70
CA THR B 37 -3.38 -10.02 34.53
C THR B 37 -2.72 -9.57 35.80
N ARG B 38 -1.65 -10.27 36.16
CA ARG B 38 -0.78 -9.91 37.26
C ARG B 38 0.55 -9.73 36.59
N THR B 39 1.20 -8.58 36.81
CA THR B 39 2.50 -8.36 36.15
C THR B 39 3.64 -8.40 37.14
N LEU B 40 4.60 -9.29 36.86
CA LEU B 40 5.81 -9.41 37.66
C LEU B 40 6.88 -8.49 37.08
N ILE B 41 7.41 -7.63 37.95
CA ILE B 41 8.46 -6.69 37.58
C ILE B 41 9.54 -6.62 38.67
N PRO B 42 10.72 -6.11 38.31
CA PRO B 42 11.83 -5.93 39.25
C PRO B 42 11.49 -4.98 40.36
N GLY B 43 12.01 -5.29 41.54
CA GLY B 43 11.80 -4.49 42.73
C GLY B 43 12.75 -3.32 42.70
N TYR B 44 12.80 -2.64 41.58
CA TYR B 44 13.58 -1.44 41.41
C TYR B 44 13.21 -0.45 42.49
N PRO B 45 14.11 0.47 42.80
CA PRO B 45 13.91 1.50 43.84
C PRO B 45 12.62 2.32 43.69
N ALA B 46 12.52 3.03 42.58
CA ALA B 46 11.34 3.85 42.27
C ALA B 46 10.09 3.01 42.31
N VAL B 47 10.22 1.76 41.92
CA VAL B 47 9.13 0.83 41.97
C VAL B 47 8.84 0.56 43.43
N LYS B 48 9.89 0.30 44.18
CA LYS B 48 9.73 0.01 45.58
C LYS B 48 9.22 1.28 46.30
N ALA B 49 9.58 2.45 45.78
CA ALA B 49 9.15 3.70 46.40
C ALA B 49 7.67 4.04 46.13
N ALA B 50 7.33 4.20 44.87
CA ALA B 50 5.97 4.60 44.47
C ALA B 50 4.81 3.77 45.03
N VAL B 51 5.01 2.46 45.01
CA VAL B 51 4.02 1.49 45.48
C VAL B 51 3.63 1.75 46.92
N THR B 52 2.35 1.56 47.22
CA THR B 52 1.84 1.77 48.56
C THR B 52 1.26 0.47 49.14
N ASP B 53 1.67 0.13 50.36
CA ASP B 53 1.18 -1.07 51.01
C ASP B 53 1.59 -2.35 50.26
N PRO B 54 2.88 -2.49 49.97
CA PRO B 54 3.41 -3.71 49.33
C PRO B 54 3.42 -4.95 50.24
N VAL B 55 2.33 -5.71 50.18
CA VAL B 55 2.23 -6.92 50.99
C VAL B 55 3.25 -7.94 50.51
N LYS B 56 3.70 -8.81 51.42
CA LYS B 56 4.69 -9.82 51.07
C LYS B 56 4.01 -11.18 50.99
N CYS B 57 4.47 -12.03 50.07
CA CYS B 57 3.83 -13.33 49.86
C CYS B 57 4.79 -14.43 49.42
N PHE B 58 6.10 -14.16 49.41
CA PHE B 58 7.05 -15.18 48.99
C PHE B 58 8.53 -14.78 49.10
N GLU B 59 9.38 -15.78 49.00
CA GLU B 59 10.83 -15.65 49.05
C GLU B 59 11.37 -17.04 48.75
N PHE B 60 12.07 -17.20 47.63
CA PHE B 60 12.53 -18.53 47.23
C PHE B 60 14.04 -18.60 46.89
N THR B 61 14.88 -18.48 47.90
CA THR B 61 16.33 -18.50 47.67
C THR B 61 16.74 -19.67 46.78
N ASP B 62 16.89 -19.37 45.51
CA ASP B 62 17.25 -20.37 44.50
C ASP B 62 17.41 -19.61 43.19
N LEU B 63 17.41 -18.28 43.28
CA LEU B 63 17.51 -17.42 42.10
C LEU B 63 18.94 -17.14 41.70
N LEU B 64 19.53 -18.14 41.04
CA LEU B 64 20.89 -18.07 40.55
C LEU B 64 21.88 -17.63 41.62
N GLY B 65 21.55 -17.99 42.87
CA GLY B 65 22.41 -17.71 44.01
C GLY B 65 22.11 -16.44 44.80
N GLU B 66 20.82 -16.05 44.90
CA GLU B 66 20.41 -14.85 45.64
C GLU B 66 19.03 -14.99 46.26
N LYS B 67 18.82 -14.29 47.36
CA LYS B 67 17.56 -14.31 48.10
C LYS B 67 16.69 -13.12 47.68
N ALA B 68 15.38 -13.32 47.68
CA ALA B 68 14.47 -12.26 47.27
C ALA B 68 13.02 -12.52 47.66
N ASP B 69 12.29 -11.45 47.94
CA ASP B 69 10.91 -11.55 48.37
C ASP B 69 9.94 -11.08 47.25
N LEU B 70 8.80 -11.77 47.17
CA LEU B 70 7.76 -11.48 46.20
C LEU B 70 6.60 -10.69 46.84
N LEU B 71 6.36 -9.48 46.37
CA LEU B 71 5.31 -8.65 46.91
C LEU B 71 4.11 -8.58 45.96
N GLU B 72 2.92 -8.40 46.53
CA GLU B 72 1.72 -8.28 45.74
C GLU B 72 1.01 -6.99 46.11
N VAL B 73 0.78 -6.15 45.10
CA VAL B 73 0.14 -4.85 45.28
C VAL B 73 -0.79 -4.50 44.12
N GLN B 74 -1.58 -3.46 44.36
CA GLN B 74 -2.52 -2.91 43.42
C GLN B 74 -2.22 -1.42 43.33
N HIS B 75 -1.58 -1.03 42.23
CA HIS B 75 -1.19 0.35 41.95
C HIS B 75 -1.87 0.88 40.67
N GLU B 76 -2.83 1.78 40.83
CA GLU B 76 -3.53 2.36 39.67
C GLU B 76 -4.10 1.37 38.65
N ARG B 77 -4.91 0.44 39.15
CA ARG B 77 -5.63 -0.56 38.37
C ARG B 77 -4.73 -1.62 37.82
N LEU B 78 -3.49 -1.67 38.28
CA LEU B 78 -2.54 -2.67 37.87
C LEU B 78 -2.29 -3.70 38.97
N ASP B 79 -2.44 -4.97 38.65
CA ASP B 79 -2.20 -6.07 39.57
C ASP B 79 -0.71 -6.47 39.51
N LEU B 80 0.05 -5.92 40.46
CA LEU B 80 1.48 -6.08 40.46
C LEU B 80 2.06 -7.08 41.45
N LEU B 81 3.08 -7.77 40.96
CA LEU B 81 3.89 -8.68 41.74
C LEU B 81 5.28 -8.08 41.61
N ILE B 82 5.85 -7.67 42.75
CA ILE B 82 7.19 -7.10 42.72
C ILE B 82 8.24 -8.12 43.17
N LEU B 83 9.24 -8.33 42.32
CA LEU B 83 10.33 -9.26 42.64
C LEU B 83 11.41 -8.45 43.33
N ASP B 84 11.36 -8.38 44.66
CA ASP B 84 12.37 -7.61 45.38
C ASP B 84 13.60 -8.41 45.70
N ALA B 85 14.68 -8.08 45.00
CA ALA B 85 15.96 -8.73 45.19
C ALA B 85 17.00 -7.64 45.18
N PRO B 86 17.27 -7.04 46.32
CA PRO B 86 18.28 -5.99 46.42
C PRO B 86 19.61 -6.37 45.78
N ALA B 87 20.03 -7.61 45.96
CA ALA B 87 21.28 -8.05 45.37
C ALA B 87 21.22 -7.88 43.83
N TYR B 88 20.03 -7.71 43.28
CA TYR B 88 19.92 -7.60 41.84
C TYR B 88 19.45 -6.23 41.38
N TYR B 89 18.29 -5.80 41.86
CA TYR B 89 17.65 -4.58 41.32
C TYR B 89 17.85 -3.25 42.03
N GLU B 90 17.67 -3.18 43.33
CA GLU B 90 17.87 -1.90 43.99
C GLU B 90 19.32 -1.41 43.90
N ARG B 91 19.63 -0.87 42.72
CA ARG B 91 20.94 -0.31 42.45
C ARG B 91 20.70 1.20 42.42
N SER B 92 21.59 1.94 41.76
CA SER B 92 21.42 3.39 41.62
C SER B 92 21.49 3.67 40.14
N GLY B 93 20.79 4.70 39.69
CA GLY B 93 20.74 5.05 38.28
C GLY B 93 19.54 4.43 37.61
N GLY B 94 19.66 4.17 36.30
CA GLY B 94 18.60 3.59 35.52
C GLY B 94 18.36 2.12 35.82
N PRO B 95 17.29 1.58 35.25
CA PRO B 95 16.96 0.18 35.44
C PRO B 95 17.92 -0.75 34.69
N TYR B 96 18.63 -0.20 33.71
CA TYR B 96 19.54 -0.99 32.91
C TYR B 96 20.95 -0.42 32.97
N LEU B 97 21.05 0.88 33.29
CA LEU B 97 22.34 1.58 33.29
C LEU B 97 22.93 1.87 34.66
N GLY B 98 24.26 2.00 34.67
CA GLY B 98 25.06 2.38 35.82
C GLY B 98 24.71 3.77 36.35
N GLN B 99 25.72 4.55 36.68
CA GLN B 99 25.50 5.89 37.21
C GLN B 99 26.10 6.82 36.18
N THR B 100 26.89 6.18 35.34
CA THR B 100 27.53 6.82 34.21
C THR B 100 26.74 6.38 33.03
N GLY B 101 26.13 5.21 33.16
CA GLY B 101 25.25 4.76 32.13
C GLY B 101 26.00 3.87 31.18
N LYS B 102 26.11 2.63 31.65
CA LYS B 102 26.72 1.56 30.94
C LYS B 102 25.80 0.44 31.34
N ASP B 103 25.84 -0.67 30.63
CA ASP B 103 25.04 -1.79 31.07
C ASP B 103 25.68 -2.26 32.40
N TYR B 104 24.84 -2.46 33.40
CA TYR B 104 25.31 -3.05 34.64
C TYR B 104 25.95 -4.34 34.19
N PRO B 105 27.14 -4.64 34.72
CA PRO B 105 27.83 -5.89 34.40
C PRO B 105 26.96 -7.11 34.76
N ASP B 106 26.03 -6.82 35.67
CA ASP B 106 25.13 -7.80 36.24
C ASP B 106 23.86 -8.08 35.36
N ASN B 107 23.64 -7.30 34.31
CA ASN B 107 22.38 -7.41 33.52
C ASN B 107 21.89 -8.82 33.20
N TRP B 108 22.76 -9.70 32.71
CA TRP B 108 22.36 -11.07 32.35
C TRP B 108 21.78 -11.86 33.53
N LYS B 109 22.33 -11.64 34.70
CA LYS B 109 21.87 -12.33 35.89
C LYS B 109 20.63 -11.63 36.47
N ARG B 110 20.59 -10.32 36.39
CA ARG B 110 19.48 -9.60 36.94
C ARG B 110 18.17 -9.96 36.20
N PHE B 111 18.26 -10.21 34.91
CA PHE B 111 17.04 -10.48 34.19
C PHE B 111 16.84 -11.97 34.05
N ALA B 112 17.92 -12.75 34.03
CA ALA B 112 17.75 -14.20 33.98
C ALA B 112 16.91 -14.56 35.19
N ALA B 113 17.16 -13.83 36.28
CA ALA B 113 16.49 -14.03 37.56
C ALA B 113 15.01 -13.71 37.47
N LEU B 114 14.72 -12.62 36.82
CA LEU B 114 13.34 -12.18 36.65
C LEU B 114 12.59 -13.34 36.00
N SER B 115 13.18 -13.81 34.89
CA SER B 115 12.64 -14.94 34.13
C SER B 115 12.43 -16.20 34.97
N LEU B 116 13.49 -16.73 35.56
CA LEU B 116 13.37 -17.92 36.39
C LEU B 116 12.29 -17.72 37.45
N ALA B 117 12.31 -16.56 38.10
CA ALA B 117 11.29 -16.27 39.09
C ALA B 117 9.91 -16.45 38.42
N ALA B 118 9.77 -15.96 37.19
CA ALA B 118 8.53 -16.10 36.49
C ALA B 118 8.23 -17.53 36.18
N ALA B 119 9.26 -18.24 35.78
CA ALA B 119 9.13 -19.65 35.49
C ALA B 119 8.63 -20.39 36.74
N ARG B 120 9.13 -19.99 37.91
CA ARG B 120 8.71 -20.65 39.14
C ARG B 120 7.22 -20.44 39.36
N ILE B 121 6.77 -19.20 39.22
CA ILE B 121 5.36 -18.90 39.44
C ILE B 121 4.53 -19.61 38.37
N GLY B 122 5.13 -19.84 37.22
CA GLY B 122 4.44 -20.55 36.15
C GLY B 122 4.22 -21.98 36.57
N ALA B 123 5.26 -22.58 37.14
CA ALA B 123 5.17 -23.95 37.65
C ALA B 123 4.14 -24.16 38.78
N GLY B 124 3.61 -23.07 39.33
CA GLY B 124 2.64 -23.14 40.42
C GLY B 124 3.20 -22.99 41.84
N VAL B 125 4.46 -22.57 41.96
CA VAL B 125 5.14 -22.41 43.25
C VAL B 125 4.42 -21.42 44.18
N LEU B 126 3.81 -20.39 43.62
CA LEU B 126 3.07 -19.44 44.44
C LEU B 126 1.79 -20.08 44.96
N PRO B 127 1.57 -19.99 46.27
CA PRO B 127 0.35 -20.47 46.91
C PRO B 127 -0.85 -19.58 46.60
N GLY B 128 -1.96 -20.20 46.23
CA GLY B 128 -3.17 -19.45 45.94
C GLY B 128 -3.35 -19.13 44.48
N TRP B 129 -2.48 -18.30 43.90
CA TRP B 129 -2.64 -17.92 42.49
C TRP B 129 -1.65 -18.60 41.54
N ARG B 130 -2.20 -19.16 40.46
CA ARG B 130 -1.37 -19.77 39.43
C ARG B 130 -1.90 -19.44 38.04
N PRO B 131 -1.07 -18.78 37.24
CA PRO B 131 -1.47 -18.37 35.90
C PRO B 131 -1.77 -19.55 34.99
N ASP B 132 -2.50 -19.24 33.92
CA ASP B 132 -2.88 -20.22 32.92
C ASP B 132 -1.86 -20.15 31.79
N MET B 133 -1.10 -19.07 31.77
CA MET B 133 -0.12 -18.88 30.75
C MET B 133 0.71 -17.71 31.16
N VAL B 134 1.88 -17.59 30.55
CA VAL B 134 2.79 -16.49 30.81
C VAL B 134 2.93 -15.57 29.59
N HIS B 135 2.87 -14.26 29.80
CA HIS B 135 3.10 -13.29 28.70
C HIS B 135 4.36 -12.51 29.04
N ALA B 136 5.44 -12.85 28.37
CA ALA B 136 6.70 -12.18 28.61
C ALA B 136 6.98 -11.15 27.49
N HIS B 137 7.73 -10.11 27.86
CA HIS B 137 8.04 -8.99 27.04
C HIS B 137 9.54 -8.74 26.87
N ASP B 138 10.01 -8.70 25.64
CA ASP B 138 11.38 -8.32 25.29
C ASP B 138 12.43 -9.22 25.91
N TRP B 139 13.70 -8.90 25.63
CA TRP B 139 14.78 -9.78 25.97
C TRP B 139 14.96 -10.08 27.47
N GLN B 140 14.66 -9.11 28.32
CA GLN B 140 14.81 -9.26 29.75
C GLN B 140 13.98 -10.41 30.33
N ALA B 141 12.87 -10.69 29.68
CA ALA B 141 11.97 -11.71 30.17
C ALA B 141 11.87 -12.87 29.21
N ALA B 142 12.71 -12.85 28.17
CA ALA B 142 12.72 -13.90 27.12
C ALA B 142 13.18 -15.26 27.60
N MET B 143 13.86 -15.33 28.75
CA MET B 143 14.39 -16.59 29.27
C MET B 143 13.30 -17.37 30.03
N THR B 144 12.21 -16.68 30.38
CA THR B 144 11.11 -17.31 31.09
C THR B 144 10.70 -18.65 30.42
N PRO B 145 10.32 -18.62 29.16
CA PRO B 145 9.99 -19.84 28.42
C PRO B 145 11.16 -20.87 28.39
N VAL B 146 12.41 -20.38 28.43
CA VAL B 146 13.57 -21.25 28.46
C VAL B 146 13.51 -22.06 29.73
N TYR B 147 13.38 -21.35 30.85
CA TYR B 147 13.32 -22.04 32.17
C TYR B 147 12.11 -22.98 32.32
N MET B 148 10.93 -22.51 31.95
CA MET B 148 9.74 -23.32 32.01
C MET B 148 9.95 -24.64 31.21
N ARG B 149 10.65 -24.55 30.09
CA ARG B 149 10.88 -25.67 29.21
C ARG B 149 11.79 -26.71 29.83
N TYR B 150 12.79 -26.22 30.53
CA TYR B 150 13.76 -27.08 31.17
C TYR B 150 13.47 -27.40 32.63
N ALA B 151 12.54 -26.67 33.24
CA ALA B 151 12.22 -26.95 34.64
C ALA B 151 11.67 -28.36 34.83
N GLU B 152 11.51 -28.78 36.08
CA GLU B 152 11.05 -30.13 36.33
C GLU B 152 9.59 -30.30 35.93
N THR B 153 8.73 -29.35 36.27
CA THR B 153 7.32 -29.47 35.93
C THR B 153 7.02 -29.03 34.48
N PRO B 154 6.01 -29.65 33.88
CA PRO B 154 5.69 -29.35 32.48
C PRO B 154 5.29 -27.91 32.35
N GLU B 155 5.86 -27.24 31.38
CA GLU B 155 5.56 -25.84 31.16
C GLU B 155 4.06 -25.60 30.84
N ILE B 156 3.60 -24.39 31.12
CA ILE B 156 2.28 -23.96 30.68
C ILE B 156 2.56 -23.12 29.46
N PRO B 157 1.56 -22.78 28.69
CA PRO B 157 1.79 -21.94 27.51
C PRO B 157 2.45 -20.58 27.77
N SER B 158 3.28 -20.19 26.81
CA SER B 158 4.00 -18.91 26.85
C SER B 158 3.85 -18.13 25.56
N LEU B 159 3.69 -16.80 25.74
CA LEU B 159 3.62 -15.79 24.67
C LEU B 159 4.72 -14.79 24.97
N LEU B 160 5.58 -14.60 23.97
CA LEU B 160 6.73 -13.71 24.01
C LEU B 160 6.56 -12.66 22.91
N THR B 161 6.45 -11.43 23.35
CA THR B 161 6.29 -10.34 22.44
C THR B 161 7.60 -9.60 22.31
N ILE B 162 8.03 -9.39 21.06
CA ILE B 162 9.23 -8.69 20.73
C ILE B 162 8.88 -7.25 20.51
N HIS B 163 9.34 -6.38 21.40
CA HIS B 163 9.09 -4.98 21.25
C HIS B 163 10.28 -4.33 20.63
N ASN B 164 11.47 -4.76 21.03
CA ASN B 164 12.73 -4.20 20.56
C ASN B 164 13.69 -5.29 20.04
N ILE B 165 13.54 -5.69 18.79
CA ILE B 165 14.34 -6.80 18.31
C ILE B 165 15.86 -6.56 18.23
N ALA B 166 16.29 -5.31 18.44
CA ALA B 166 17.69 -4.93 18.41
C ALA B 166 18.39 -5.34 19.68
N PHE B 167 17.60 -5.47 20.75
CA PHE B 167 18.17 -5.82 22.05
C PHE B 167 17.91 -7.25 22.24
N GLN B 168 18.91 -8.06 21.94
CA GLN B 168 18.79 -9.50 21.94
C GLN B 168 19.36 -10.19 23.20
N GLY B 169 19.83 -9.41 24.16
CA GLY B 169 20.42 -9.99 25.39
C GLY B 169 21.46 -11.05 25.14
N GLN B 170 22.44 -10.71 24.32
CA GLN B 170 23.54 -11.56 23.92
C GLN B 170 24.66 -11.38 24.93
N PHE B 171 25.17 -12.51 25.42
CA PHE B 171 26.24 -12.49 26.41
C PHE B 171 27.28 -13.55 26.08
N GLY B 172 28.49 -13.37 26.58
CA GLY B 172 29.55 -14.34 26.32
C GLY B 172 29.22 -15.72 26.86
N ALA B 173 29.64 -16.76 26.15
CA ALA B 173 29.26 -18.11 26.54
C ALA B 173 29.70 -18.40 27.96
N ASN B 174 30.63 -17.62 28.49
CA ASN B 174 31.11 -17.89 29.83
C ASN B 174 30.06 -17.83 30.95
N ILE B 175 28.89 -17.25 30.71
CA ILE B 175 27.87 -17.20 31.76
C ILE B 175 26.91 -18.42 31.78
N PHE B 176 26.98 -19.29 30.79
CA PHE B 176 26.08 -20.45 30.78
C PHE B 176 26.21 -21.27 32.05
N SER B 177 27.44 -21.37 32.55
CA SER B 177 27.73 -22.12 33.77
C SER B 177 26.85 -21.64 34.93
N LYS B 178 26.47 -20.38 34.91
CA LYS B 178 25.73 -19.87 36.05
C LYS B 178 24.24 -19.64 35.79
N LEU B 179 23.74 -20.09 34.65
CA LEU B 179 22.32 -19.85 34.33
C LEU B 179 21.35 -20.87 34.92
N ALA B 180 21.87 -21.91 35.58
CA ALA B 180 21.03 -22.97 36.18
C ALA B 180 20.23 -23.79 35.15
N LEU B 181 20.91 -24.15 34.05
CA LEU B 181 20.30 -24.87 32.97
C LEU B 181 21.13 -26.07 32.61
N PRO B 182 20.46 -27.13 32.17
CA PRO B 182 21.18 -28.33 31.68
C PRO B 182 21.93 -28.02 30.40
N ALA B 183 23.09 -28.63 30.33
CA ALA B 183 24.03 -28.46 29.26
C ALA B 183 23.38 -28.46 27.90
N HIS B 184 22.40 -29.33 27.68
CA HIS B 184 21.81 -29.34 26.36
C HIS B 184 21.07 -28.05 26.04
N ALA B 185 20.76 -27.25 27.05
CA ALA B 185 20.15 -25.92 26.79
C ALA B 185 21.10 -25.07 25.96
N PHE B 186 22.40 -25.33 26.06
CA PHE B 186 23.37 -24.59 25.25
C PHE B 186 23.52 -25.27 23.87
N GLY B 187 22.50 -25.13 23.03
CA GLY B 187 22.50 -25.73 21.71
C GLY B 187 21.66 -24.97 20.71
N MET B 188 21.36 -25.62 19.58
CA MET B 188 20.57 -25.05 18.50
C MET B 188 19.16 -24.74 18.92
N GLU B 189 18.54 -25.72 19.57
CA GLU B 189 17.17 -25.58 20.03
C GLU B 189 17.09 -24.81 21.31
N GLY B 190 18.23 -24.26 21.73
CA GLY B 190 18.29 -23.50 22.98
C GLY B 190 18.79 -22.08 22.83
N ILE B 191 19.64 -21.66 23.77
CA ILE B 191 20.13 -20.30 23.83
C ILE B 191 21.49 -20.09 23.17
N GLU B 192 22.07 -21.14 22.59
CA GLU B 192 23.36 -20.98 21.91
C GLU B 192 23.11 -20.09 20.68
N TYR B 193 23.91 -19.05 20.57
CA TYR B 193 23.78 -18.16 19.46
C TYR B 193 25.16 -17.73 19.06
N TYR B 194 25.63 -18.32 17.97
CA TYR B 194 26.96 -18.04 17.46
C TYR B 194 28.03 -18.21 18.56
N ASN B 195 28.06 -19.37 19.21
CA ASN B 195 29.04 -19.62 20.30
C ASN B 195 28.86 -18.77 21.56
N ASP B 196 27.93 -17.84 21.56
CA ASP B 196 27.62 -17.01 22.71
C ASP B 196 26.28 -17.45 23.21
N VAL B 197 25.75 -16.77 24.20
CA VAL B 197 24.41 -17.02 24.64
C VAL B 197 23.51 -15.83 24.19
N SER B 198 22.25 -16.11 23.85
CA SER B 198 21.28 -15.10 23.43
C SER B 198 19.91 -15.29 24.12
N PHE B 199 19.58 -14.41 25.05
CA PHE B 199 18.32 -14.53 25.77
C PHE B 199 17.11 -14.46 24.84
N LEU B 200 17.04 -13.43 24.01
CA LEU B 200 15.93 -13.26 23.11
C LEU B 200 15.81 -14.51 22.25
N LYS B 201 16.92 -14.92 21.66
CA LYS B 201 16.92 -16.09 20.79
C LYS B 201 16.38 -17.32 21.47
N GLY B 202 16.75 -17.47 22.72
CA GLY B 202 16.30 -18.59 23.51
C GLY B 202 14.79 -18.57 23.70
N GLY B 203 14.28 -17.40 24.01
CA GLY B 203 12.85 -17.23 24.15
C GLY B 203 12.14 -17.56 22.86
N LEU B 204 12.59 -16.96 21.78
CA LEU B 204 12.01 -17.19 20.46
C LEU B 204 11.93 -18.70 20.08
N GLN B 205 12.86 -19.50 20.57
CA GLN B 205 12.91 -20.90 20.22
C GLN B 205 11.99 -21.72 21.16
N THR B 206 11.71 -21.18 22.35
CA THR B 206 10.95 -21.96 23.32
C THR B 206 9.55 -21.49 23.67
N ALA B 207 9.19 -20.27 23.32
CA ALA B 207 7.86 -19.79 23.67
C ALA B 207 6.81 -20.55 22.88
N THR B 208 5.60 -20.70 23.42
CA THR B 208 4.54 -21.35 22.66
C THR B 208 4.14 -20.53 21.45
N ALA B 209 4.08 -19.23 21.67
CA ALA B 209 3.72 -18.28 20.62
C ALA B 209 4.57 -17.01 20.75
N LEU B 210 4.70 -16.32 19.62
CA LEU B 210 5.42 -15.04 19.47
C LEU B 210 4.47 -13.99 18.87
N SER B 211 4.71 -12.75 19.27
CA SER B 211 3.94 -11.66 18.73
C SER B 211 4.77 -10.41 18.68
N THR B 212 4.28 -9.52 17.83
CA THR B 212 4.86 -8.25 17.67
C THR B 212 3.75 -7.22 17.66
N VAL B 213 4.04 -5.95 17.78
CA VAL B 213 2.99 -4.88 17.91
C VAL B 213 2.24 -4.39 16.64
N SER B 214 2.36 -5.18 15.57
CA SER B 214 1.60 -5.03 14.38
C SER B 214 1.86 -6.18 13.45
N PRO B 215 0.83 -6.59 12.73
CA PRO B 215 0.97 -7.63 11.71
C PRO B 215 2.06 -7.34 10.68
N SER B 216 2.22 -6.10 10.27
CA SER B 216 3.27 -5.86 9.31
C SER B 216 4.62 -5.99 9.93
N TYR B 217 4.76 -5.49 11.13
CA TYR B 217 6.09 -5.61 11.71
C TYR B 217 6.40 -7.10 11.91
N ALA B 218 5.38 -7.92 12.21
CA ALA B 218 5.61 -9.36 12.35
C ALA B 218 6.20 -9.94 11.07
N GLU B 219 5.79 -9.45 9.92
CA GLU B 219 6.37 -9.91 8.67
C GLU B 219 7.73 -9.34 8.36
N GLU B 220 7.93 -8.07 8.73
CA GLU B 220 9.23 -7.36 8.48
C GLU B 220 10.38 -8.07 9.23
N ILE B 221 10.13 -8.50 10.45
CA ILE B 221 11.19 -9.14 11.22
C ILE B 221 11.64 -10.53 10.74
N LEU B 222 10.98 -11.07 9.74
CA LEU B 222 11.38 -12.34 9.15
C LEU B 222 12.33 -12.04 7.98
N THR B 223 12.54 -10.76 7.68
CA THR B 223 13.48 -10.37 6.64
C THR B 223 14.75 -9.81 7.24
N ALA B 224 15.85 -9.84 6.47
CA ALA B 224 17.15 -9.39 6.96
C ALA B 224 17.11 -7.88 7.25
N GLU B 225 16.21 -7.18 6.59
CA GLU B 225 16.15 -5.74 6.79
C GLU B 225 15.75 -5.38 8.21
N PHE B 226 14.88 -6.17 8.84
CA PHE B 226 14.39 -5.81 10.16
C PHE B 226 14.70 -6.83 11.24
N GLY B 227 15.23 -7.98 10.84
CA GLY B 227 15.41 -9.13 11.71
C GLY B 227 16.54 -9.05 12.69
N MET B 228 17.49 -8.16 12.40
CA MET B 228 18.69 -8.03 13.21
C MET B 228 19.33 -9.39 13.50
N GLY B 229 19.42 -10.23 12.49
CA GLY B 229 20.05 -11.56 12.60
C GLY B 229 19.12 -12.69 13.09
N LEU B 230 17.94 -12.36 13.56
CA LEU B 230 17.06 -13.41 14.04
C LEU B 230 16.01 -13.85 13.06
N GLU B 231 16.01 -13.27 11.87
CA GLU B 231 14.99 -13.61 10.89
C GLU B 231 14.92 -15.15 10.65
N GLY B 232 16.07 -15.83 10.72
CA GLY B 232 16.14 -17.26 10.57
C GLY B 232 15.46 -17.93 11.74
N VAL B 233 15.81 -17.52 12.94
CA VAL B 233 15.23 -18.11 14.11
C VAL B 233 13.70 -17.92 13.98
N ILE B 234 13.24 -16.69 13.86
CA ILE B 234 11.81 -16.43 13.82
C ILE B 234 11.11 -17.12 12.65
N GLY B 235 11.71 -17.05 11.49
CA GLY B 235 11.13 -17.64 10.31
C GLY B 235 10.75 -19.09 10.51
N SER B 236 11.58 -19.85 11.21
CA SER B 236 11.25 -21.22 11.43
C SER B 236 10.10 -21.36 12.46
N ARG B 237 9.56 -20.24 12.97
CA ARG B 237 8.44 -20.29 13.95
C ARG B 237 7.31 -19.37 13.53
N ALA B 238 7.38 -19.00 12.27
CA ALA B 238 6.44 -18.11 11.64
C ALA B 238 5.04 -18.59 11.91
N HIS B 239 4.88 -19.91 11.86
CA HIS B 239 3.57 -20.50 12.10
C HIS B 239 2.92 -20.13 13.44
N VAL B 240 3.71 -19.76 14.44
CA VAL B 240 3.14 -19.30 15.72
C VAL B 240 3.44 -17.80 15.99
N LEU B 241 3.81 -17.07 14.96
CA LEU B 241 4.07 -15.68 15.16
C LEU B 241 2.84 -14.81 14.86
N HIS B 242 2.52 -13.89 15.78
CA HIS B 242 1.38 -13.02 15.62
C HIS B 242 1.72 -11.53 15.76
N GLY B 243 0.91 -10.73 15.11
CA GLY B 243 1.04 -9.31 15.15
C GLY B 243 -0.23 -8.65 15.57
N ILE B 244 -0.15 -7.86 16.64
CA ILE B 244 -1.30 -7.14 17.15
C ILE B 244 -0.98 -5.66 17.37
N VAL B 245 -1.72 -4.82 16.69
CA VAL B 245 -1.63 -3.35 16.71
C VAL B 245 -1.95 -2.84 18.09
N ASN B 246 -1.24 -1.84 18.54
CA ASN B 246 -1.50 -1.24 19.85
C ASN B 246 -2.78 -0.42 19.77
N GLY B 247 -3.30 -0.02 20.91
CA GLY B 247 -4.39 0.96 20.91
C GLY B 247 -3.97 2.24 21.62
N ILE B 248 -4.92 3.15 21.78
CA ILE B 248 -4.74 4.39 22.58
C ILE B 248 -5.87 4.55 23.59
N ASP B 249 -5.74 5.49 24.49
CA ASP B 249 -6.81 5.72 25.47
C ASP B 249 -7.85 6.67 24.83
N ALA B 250 -8.99 6.12 24.44
CA ALA B 250 -10.02 6.94 23.76
C ALA B 250 -10.86 7.80 24.68
N ASP B 251 -10.60 7.70 25.98
CA ASP B 251 -11.27 8.55 26.97
C ASP B 251 -10.48 9.86 27.10
N VAL B 252 -9.14 9.72 27.15
CA VAL B 252 -8.23 10.84 27.21
C VAL B 252 -8.23 11.51 25.83
N TRP B 253 -8.36 10.72 24.77
CA TRP B 253 -8.32 11.26 23.43
C TRP B 253 -9.68 11.02 22.80
N ASN B 254 -10.58 11.96 23.07
CA ASN B 254 -11.95 12.00 22.57
C ASN B 254 -12.15 13.46 22.20
N PRO B 255 -12.36 13.72 20.93
CA PRO B 255 -12.50 15.11 20.52
C PRO B 255 -13.86 15.64 21.02
N ALA B 256 -14.85 14.81 21.34
CA ALA B 256 -16.13 15.31 21.90
C ALA B 256 -16.04 15.86 23.31
N THR B 257 -14.98 15.50 24.02
CA THR B 257 -14.82 15.86 25.44
C THR B 257 -13.47 16.41 25.81
N ASP B 258 -12.50 16.33 24.93
CA ASP B 258 -11.15 16.80 25.25
C ASP B 258 -11.21 18.21 25.87
N HIS B 259 -10.53 18.37 26.99
CA HIS B 259 -10.48 19.66 27.67
C HIS B 259 -9.19 20.42 27.26
N LEU B 260 -8.31 19.72 26.54
CA LEU B 260 -7.01 20.26 26.16
C LEU B 260 -7.04 20.96 24.79
N ILE B 261 -8.18 21.02 24.15
CA ILE B 261 -8.29 21.67 22.83
C ILE B 261 -9.22 22.87 22.99
N HIS B 262 -9.19 23.71 21.97
CA HIS B 262 -9.94 24.94 21.99
C HIS B 262 -11.43 24.68 21.81
N ASP B 263 -11.78 23.79 20.90
CA ASP B 263 -13.18 23.57 20.54
C ASP B 263 -13.43 22.11 20.28
N ASN B 264 -14.51 21.59 20.86
CA ASN B 264 -14.89 20.20 20.67
C ASN B 264 -15.68 19.98 19.37
N TYR B 265 -15.67 18.74 18.92
CA TYR B 265 -16.37 18.35 17.72
C TYR B 265 -16.57 16.85 17.70
N SER B 266 -17.40 16.42 16.77
CA SER B 266 -17.66 15.00 16.55
C SER B 266 -17.56 14.69 15.06
N ALA B 267 -17.65 13.42 14.71
CA ALA B 267 -17.62 12.98 13.34
C ALA B 267 -18.78 13.60 12.61
N ALA B 268 -19.88 13.75 13.33
CA ALA B 268 -21.09 14.38 12.81
C ALA B 268 -21.05 15.90 12.69
N ASN B 269 -20.24 16.59 13.52
CA ASN B 269 -20.07 18.08 13.52
C ASN B 269 -18.60 18.27 13.46
N LEU B 270 -18.04 18.39 12.26
CA LEU B 270 -16.60 18.61 12.08
C LEU B 270 -16.32 20.10 11.97
N LYS B 271 -17.35 20.90 11.85
CA LYS B 271 -17.15 22.35 11.69
C LYS B 271 -16.17 22.99 12.65
N ASN B 272 -16.36 22.67 13.91
CA ASN B 272 -15.53 23.24 14.93
C ASN B 272 -14.08 22.88 14.81
N ARG B 273 -13.66 21.87 14.01
CA ARG B 273 -12.20 21.71 13.90
C ARG B 273 -11.61 23.02 13.37
N ALA B 274 -12.37 23.74 12.58
CA ALA B 274 -11.85 24.98 12.04
C ALA B 274 -11.40 25.92 13.15
N LEU B 275 -12.11 25.88 14.27
CA LEU B 275 -11.73 26.77 15.35
C LEU B 275 -10.37 26.34 15.89
N ASN B 276 -10.15 25.04 15.94
CA ASN B 276 -8.87 24.56 16.44
C ASN B 276 -7.80 24.94 15.43
N LYS B 277 -8.15 24.96 14.15
CA LYS B 277 -7.20 25.33 13.13
C LYS B 277 -6.66 26.78 13.37
N LYS B 278 -7.55 27.69 13.69
CA LYS B 278 -7.20 29.06 14.00
C LYS B 278 -6.22 29.13 15.16
N ALA B 279 -6.56 28.46 16.25
CA ALA B 279 -5.73 28.45 17.43
C ALA B 279 -4.34 27.88 17.19
N VAL B 280 -4.26 26.83 16.41
CA VAL B 280 -2.99 26.27 16.03
C VAL B 280 -2.19 27.31 15.29
N ALA B 281 -2.81 28.00 14.33
CA ALA B 281 -2.07 29.06 13.59
C ALA B 281 -1.61 30.19 14.51
N GLU B 282 -2.34 30.42 15.60
CA GLU B 282 -1.95 31.51 16.50
C GLU B 282 -0.89 31.08 17.47
N HIS B 283 -1.00 29.86 17.97
CA HIS B 283 0.01 29.41 18.88
C HIS B 283 1.38 29.43 18.18
N PHE B 284 1.47 28.94 16.94
CA PHE B 284 2.71 28.89 16.18
C PHE B 284 3.09 30.25 15.57
N ARG B 285 2.20 31.23 15.70
CA ARG B 285 2.43 32.56 15.17
C ARG B 285 2.62 32.57 13.66
N ILE B 286 1.85 31.77 12.93
CA ILE B 286 1.87 31.75 11.46
C ILE B 286 0.59 32.33 10.89
N ASP B 287 0.51 32.46 9.58
CA ASP B 287 -0.69 32.96 8.96
C ASP B 287 -1.85 32.06 9.29
N ASP B 288 -3.03 32.68 9.41
CA ASP B 288 -4.29 31.99 9.70
C ASP B 288 -5.23 32.17 8.53
N ASP B 289 -5.32 31.17 7.68
CA ASP B 289 -6.15 31.20 6.51
C ASP B 289 -6.70 29.79 6.26
N GLY B 290 -7.34 29.61 5.10
CA GLY B 290 -7.98 28.37 4.75
C GLY B 290 -7.09 27.37 3.98
N SER B 291 -5.79 27.61 3.93
CA SER B 291 -4.93 26.72 3.18
C SER B 291 -4.67 25.49 4.00
N PRO B 292 -4.19 24.44 3.36
CA PRO B 292 -3.84 23.16 3.96
C PRO B 292 -2.85 23.30 5.08
N LEU B 293 -3.15 22.77 6.24
CA LEU B 293 -2.22 22.90 7.33
C LEU B 293 -1.70 21.54 7.71
N PHE B 294 -0.48 21.25 7.31
CA PHE B 294 0.18 20.00 7.70
C PHE B 294 0.85 20.15 9.02
N CYS B 295 1.00 19.07 9.75
CA CYS B 295 1.80 19.07 10.97
C CYS B 295 2.64 17.83 11.10
N VAL B 296 3.55 17.93 12.04
CA VAL B 296 4.40 16.83 12.46
C VAL B 296 4.49 16.85 13.99
N ILE B 297 4.24 15.74 14.61
CA ILE B 297 4.39 15.63 16.03
C ILE B 297 5.27 14.38 16.27
N SER B 298 6.56 14.62 16.30
CA SER B 298 7.47 13.53 16.44
C SER B 298 8.81 13.76 17.10
N ARG B 299 9.33 12.71 17.71
CA ARG B 299 10.69 12.68 18.15
C ARG B 299 11.45 12.90 16.86
N LEU B 300 12.56 13.64 16.93
CA LEU B 300 13.31 14.05 15.73
C LEU B 300 14.54 13.19 15.54
N THR B 301 14.31 12.09 14.87
CA THR B 301 15.34 11.12 14.58
C THR B 301 15.28 10.68 13.12
N TRP B 302 16.27 9.90 12.72
CA TRP B 302 16.29 9.38 11.37
C TRP B 302 15.23 8.25 11.24
N GLN B 303 15.02 7.51 12.31
CA GLN B 303 14.06 6.41 12.32
C GLN B 303 12.70 6.97 11.93
N LYS B 304 12.42 8.22 12.36
CA LYS B 304 11.16 8.86 12.14
C LYS B 304 11.13 9.59 10.81
N GLY B 305 12.22 9.45 10.08
CA GLY B 305 12.31 10.07 8.78
C GLY B 305 12.28 11.57 8.85
N ILE B 306 12.75 12.19 9.95
CA ILE B 306 12.65 13.63 10.06
C ILE B 306 13.59 14.35 9.06
N ASP B 307 14.66 13.67 8.66
CA ASP B 307 15.55 14.24 7.67
C ASP B 307 14.80 14.41 6.36
N LEU B 308 13.98 13.45 5.99
CA LEU B 308 13.22 13.64 4.76
C LEU B 308 12.19 14.77 4.97
N MET B 309 11.62 14.85 6.15
CA MET B 309 10.61 15.86 6.35
C MET B 309 11.20 17.25 6.16
N ALA B 310 12.37 17.49 6.73
CA ALA B 310 12.99 18.80 6.62
C ALA B 310 13.27 19.17 5.15
N GLU B 311 13.58 18.20 4.30
CA GLU B 311 13.80 18.46 2.89
C GLU B 311 12.49 18.56 2.11
N ALA B 312 11.36 18.30 2.77
CA ALA B 312 10.08 18.32 2.09
C ALA B 312 9.30 19.58 2.38
N VAL B 313 9.80 20.37 3.33
CA VAL B 313 9.06 21.57 3.76
C VAL B 313 8.82 22.54 2.57
N ASP B 314 9.85 22.74 1.76
CA ASP B 314 9.73 23.63 0.59
C ASP B 314 8.59 23.18 -0.32
N GLU B 315 8.45 21.87 -0.48
CA GLU B 315 7.34 21.33 -1.28
C GLU B 315 5.98 21.68 -0.68
N ILE B 316 5.87 21.58 0.63
CA ILE B 316 4.62 21.94 1.30
C ILE B 316 4.25 23.38 0.94
N VAL B 317 5.24 24.29 1.07
CA VAL B 317 5.00 25.70 0.83
C VAL B 317 4.71 26.02 -0.65
N SER B 318 5.52 25.50 -1.57
CA SER B 318 5.28 25.73 -2.99
C SER B 318 3.87 25.29 -3.37
N LEU B 319 3.33 24.30 -2.65
CA LEU B 319 1.96 23.87 -2.91
C LEU B 319 0.90 24.79 -2.32
N GLY B 320 1.30 25.79 -1.53
CA GLY B 320 0.35 26.70 -0.88
C GLY B 320 -0.02 26.21 0.52
N GLY B 321 0.69 25.21 0.98
CA GLY B 321 0.45 24.71 2.31
C GLY B 321 1.29 25.33 3.44
N ARG B 322 0.82 25.01 4.63
CA ARG B 322 1.46 25.40 5.86
C ARG B 322 1.91 24.16 6.62
N LEU B 323 2.92 24.34 7.43
CA LEU B 323 3.43 23.26 8.24
C LEU B 323 3.78 23.77 9.66
N VAL B 324 3.41 23.00 10.67
CA VAL B 324 3.78 23.30 12.02
C VAL B 324 4.32 21.99 12.59
N VAL B 325 5.42 22.10 13.28
CA VAL B 325 6.12 20.96 13.80
C VAL B 325 6.36 21.09 15.32
N LEU B 326 5.94 20.06 16.06
CA LEU B 326 6.18 19.91 17.45
C LEU B 326 7.08 18.66 17.63
N GLY B 327 8.21 18.83 18.26
CA GLY B 327 9.12 17.72 18.48
C GLY B 327 10.40 18.16 19.16
N ALA B 328 11.22 17.16 19.47
CA ALA B 328 12.53 17.28 20.04
C ALA B 328 13.34 16.03 19.67
N GLY B 329 14.65 16.23 19.55
CA GLY B 329 15.52 15.12 19.24
C GLY B 329 16.91 15.60 18.92
N ASP B 330 17.44 15.10 17.80
CA ASP B 330 18.78 15.39 17.40
C ASP B 330 18.89 16.84 17.03
N VAL B 331 20.01 17.47 17.46
CA VAL B 331 20.25 18.89 17.22
C VAL B 331 20.43 19.30 15.79
N ALA B 332 20.99 18.40 14.99
CA ALA B 332 21.17 18.70 13.59
C ALA B 332 19.79 18.80 12.93
N LEU B 333 18.88 17.94 13.36
CA LEU B 333 17.54 17.89 12.79
C LEU B 333 16.67 19.03 13.28
N GLU B 334 16.76 19.35 14.56
CA GLU B 334 16.10 20.50 15.14
C GLU B 334 16.53 21.74 14.36
N GLY B 335 17.83 21.84 14.13
CA GLY B 335 18.36 23.02 13.44
C GLY B 335 17.87 23.08 12.00
N ALA B 336 17.83 21.92 11.34
CA ALA B 336 17.42 21.84 9.94
C ALA B 336 16.00 22.35 9.77
N LEU B 337 15.14 22.00 10.71
CA LEU B 337 13.77 22.43 10.68
C LEU B 337 13.63 23.89 11.10
N LEU B 338 14.46 24.30 12.07
CA LEU B 338 14.42 25.66 12.53
C LEU B 338 14.69 26.60 11.34
N ALA B 339 15.64 26.22 10.50
CA ALA B 339 16.02 27.00 9.32
C ALA B 339 14.95 27.02 8.26
N ALA B 340 14.45 25.83 7.93
CA ALA B 340 13.39 25.72 6.94
C ALA B 340 12.32 26.67 7.36
N ALA B 341 12.10 26.76 8.65
CA ALA B 341 11.12 27.69 9.08
C ALA B 341 11.59 29.08 8.65
N SER B 342 12.83 29.43 9.02
CA SER B 342 13.36 30.75 8.77
C SER B 342 13.04 31.27 7.38
N ARG B 343 13.24 30.49 6.36
CA ARG B 343 12.97 30.96 5.00
C ARG B 343 11.49 31.00 4.61
N HIS B 344 10.62 30.63 5.53
CA HIS B 344 9.21 30.57 5.27
C HIS B 344 8.45 31.11 6.46
N HIS B 345 8.87 32.29 6.90
CA HIS B 345 8.26 32.99 8.00
C HIS B 345 6.81 33.22 7.65
N GLY B 346 5.92 32.91 8.60
CA GLY B 346 4.49 33.04 8.37
C GLY B 346 3.87 31.77 7.82
N ARG B 347 4.64 30.92 7.14
CA ARG B 347 4.06 29.72 6.58
C ARG B 347 4.44 28.46 7.31
N VAL B 348 5.59 28.49 7.97
CA VAL B 348 6.05 27.33 8.73
C VAL B 348 6.37 27.72 10.19
N GLY B 349 5.87 26.93 11.14
CA GLY B 349 6.14 27.15 12.54
C GLY B 349 6.82 25.95 13.16
N VAL B 350 7.78 26.18 14.06
CA VAL B 350 8.46 25.08 14.71
C VAL B 350 8.42 25.24 16.20
N ALA B 351 8.14 24.17 16.90
CA ALA B 351 8.17 24.22 18.36
C ALA B 351 9.03 23.05 18.85
N ILE B 352 10.17 23.37 19.43
CA ILE B 352 11.09 22.35 19.87
C ILE B 352 10.79 22.10 21.30
N GLY B 353 10.50 20.85 21.64
CA GLY B 353 10.17 20.48 23.00
C GLY B 353 9.00 19.53 23.10
N TYR B 354 8.73 19.06 24.32
CA TYR B 354 7.65 18.12 24.60
C TYR B 354 6.43 18.87 25.12
N ASN B 355 5.32 18.77 24.43
CA ASN B 355 4.13 19.46 24.86
C ASN B 355 2.86 18.67 24.62
N GLU B 356 2.60 17.71 25.44
CA GLU B 356 1.43 16.90 25.30
C GLU B 356 0.14 17.74 25.00
N PRO B 357 -0.20 18.73 25.82
CA PRO B 357 -1.39 19.55 25.56
C PRO B 357 -1.43 20.18 24.15
N LEU B 358 -0.31 20.67 23.67
CA LEU B 358 -0.27 21.23 22.31
C LEU B 358 -0.50 20.11 21.29
N SER B 359 -0.03 18.91 21.59
CA SER B 359 -0.20 17.89 20.58
C SER B 359 -1.71 17.62 20.46
N HIS B 360 -2.47 17.79 21.53
CA HIS B 360 -3.91 17.62 21.39
C HIS B 360 -4.47 18.65 20.41
N LEU B 361 -4.02 19.91 20.53
CA LEU B 361 -4.52 21.05 19.73
C LEU B 361 -4.24 20.88 18.25
N MET B 362 -3.04 20.40 17.97
CA MET B 362 -2.61 20.14 16.62
C MET B 362 -3.43 19.01 15.99
N GLN B 363 -3.63 17.89 16.71
CA GLN B 363 -4.45 16.81 16.12
C GLN B 363 -5.87 17.27 15.89
N ALA B 364 -6.33 18.25 16.66
CA ALA B 364 -7.68 18.75 16.57
C ALA B 364 -7.88 19.82 15.54
N GLY B 365 -6.83 20.50 15.13
CA GLY B 365 -6.90 21.63 14.23
C GLY B 365 -6.12 21.55 12.91
N CYS B 366 -5.13 20.64 12.83
CA CYS B 366 -4.38 20.52 11.60
C CYS B 366 -5.15 19.66 10.64
N ASP B 367 -4.84 19.85 9.37
CA ASP B 367 -5.56 19.14 8.37
C ASP B 367 -4.98 17.79 8.12
N ALA B 368 -3.66 17.70 8.18
CA ALA B 368 -2.99 16.46 7.91
C ALA B 368 -1.70 16.37 8.73
N ILE B 369 -1.32 15.13 9.08
CA ILE B 369 -0.11 14.87 9.83
C ILE B 369 0.75 13.89 9.09
N ILE B 370 2.02 14.28 8.86
CA ILE B 370 2.99 13.50 8.09
C ILE B 370 3.78 12.68 9.09
N ILE B 371 3.96 11.40 8.78
CA ILE B 371 4.64 10.41 9.60
C ILE B 371 5.45 9.48 8.66
N PRO B 372 6.61 9.95 8.23
CA PRO B 372 7.49 9.30 7.27
C PRO B 372 8.56 8.44 7.88
N SER B 373 8.14 7.60 8.79
CA SER B 373 9.06 6.75 9.46
C SER B 373 9.69 5.78 8.51
N ARG B 374 10.97 5.53 8.72
CA ARG B 374 11.69 4.51 7.95
C ARG B 374 11.41 3.15 8.53
N PHE B 375 11.02 3.15 9.80
CA PHE B 375 10.78 1.98 10.60
C PHE B 375 9.80 2.39 11.69
N GLU B 376 8.83 1.51 12.00
CA GLU B 376 7.75 1.78 12.96
C GLU B 376 7.00 0.51 13.36
N PRO B 377 7.43 -0.15 14.41
CA PRO B 377 6.76 -1.39 14.84
C PRO B 377 5.23 -1.18 14.96
N CYS B 378 4.80 -0.05 15.49
CA CYS B 378 3.38 0.20 15.50
C CYS B 378 3.07 1.62 15.18
N GLY B 379 3.33 2.48 16.15
CA GLY B 379 3.10 3.92 16.03
C GLY B 379 1.80 4.27 16.67
N LEU B 380 1.75 5.41 17.32
CA LEU B 380 0.53 5.90 17.90
C LEU B 380 0.00 7.18 17.28
N THR B 381 0.83 7.97 16.64
CA THR B 381 0.44 9.27 16.11
C THR B 381 -0.71 9.19 15.14
N GLN B 382 -0.67 8.15 14.31
CA GLN B 382 -1.72 7.92 13.29
C GLN B 382 -2.97 7.47 13.95
N LEU B 383 -2.85 6.85 15.11
CA LEU B 383 -4.04 6.41 15.80
C LEU B 383 -4.78 7.66 16.35
N TYR B 384 -3.99 8.62 16.88
CA TYR B 384 -4.58 9.83 17.45
C TYR B 384 -5.20 10.63 16.32
N ALA B 385 -4.54 10.59 15.17
CA ALA B 385 -4.97 11.33 14.00
C ALA B 385 -6.33 10.85 13.52
N LEU B 386 -6.51 9.55 13.32
CA LEU B 386 -7.80 9.03 12.95
C LEU B 386 -8.88 9.44 13.95
N ARG B 387 -8.63 9.27 15.25
CA ARG B 387 -9.59 9.61 16.28
C ARG B 387 -10.02 11.07 16.22
N TYR B 388 -9.06 11.92 15.86
CA TYR B 388 -9.26 13.36 15.80
C TYR B 388 -9.61 13.98 14.42
N GLY B 389 -9.69 13.18 13.40
CA GLY B 389 -10.14 13.77 12.15
C GLY B 389 -9.04 14.49 11.40
N CYS B 390 -7.80 14.20 11.79
CA CYS B 390 -6.62 14.72 11.13
C CYS B 390 -6.15 13.65 10.14
N ILE B 391 -6.03 13.95 8.87
CA ILE B 391 -5.63 12.93 7.90
C ILE B 391 -4.16 12.47 8.01
N PRO B 392 -3.95 11.22 8.30
CA PRO B 392 -2.57 10.73 8.38
C PRO B 392 -1.96 10.42 7.00
N VAL B 393 -0.78 10.97 6.75
CA VAL B 393 -0.03 10.79 5.52
C VAL B 393 1.17 10.07 6.03
N VAL B 394 1.26 8.76 5.72
CA VAL B 394 2.22 7.90 6.33
C VAL B 394 3.08 7.04 5.42
N ALA B 395 4.26 6.73 5.94
CA ALA B 395 5.14 5.87 5.22
C ALA B 395 4.54 4.48 5.34
N ARG B 396 4.63 3.72 4.29
CA ARG B 396 4.06 2.41 4.36
C ARG B 396 5.09 1.45 4.94
N THR B 397 5.17 1.35 6.25
CA THR B 397 6.12 0.50 6.90
C THR B 397 5.53 0.12 8.24
N GLY B 398 5.85 -1.07 8.74
CA GLY B 398 5.26 -1.57 9.98
C GLY B 398 3.81 -1.19 10.30
N GLY B 399 3.57 -0.74 11.52
CA GLY B 399 2.19 -0.48 11.92
C GLY B 399 1.42 0.52 11.11
N LEU B 400 2.15 1.47 10.54
CA LEU B 400 1.58 2.47 9.72
C LEU B 400 0.94 1.87 8.45
N ALA B 401 1.42 0.74 7.99
CA ALA B 401 0.89 0.11 6.82
C ALA B 401 -0.37 -0.58 7.21
N ASP B 402 -0.47 -1.00 8.45
CA ASP B 402 -1.60 -1.75 8.94
C ASP B 402 -2.82 -0.92 9.34
N THR B 403 -2.63 0.35 9.70
CA THR B 403 -3.67 1.13 10.37
C THR B 403 -4.32 2.28 9.62
N VAL B 404 -3.88 2.49 8.38
CA VAL B 404 -4.42 3.43 7.49
C VAL B 404 -4.92 2.72 6.20
N ILE B 405 -6.07 3.16 5.70
CA ILE B 405 -6.61 2.66 4.47
C ILE B 405 -6.29 3.70 3.43
N ASP B 406 -5.39 3.35 2.54
CA ASP B 406 -4.88 4.29 1.50
C ASP B 406 -5.95 4.77 0.55
N ALA B 407 -5.88 6.04 0.25
CA ALA B 407 -6.85 6.65 -0.64
C ALA B 407 -6.40 6.44 -2.10
N ASN B 408 -6.55 5.20 -2.56
CA ASN B 408 -6.31 4.86 -3.91
C ASN B 408 -7.68 4.92 -4.58
N HIS B 409 -7.75 4.68 -5.87
CA HIS B 409 -9.01 4.75 -6.56
C HIS B 409 -10.12 3.81 -5.99
N ALA B 410 -9.78 2.55 -5.76
CA ALA B 410 -10.79 1.63 -5.29
C ALA B 410 -11.38 2.11 -3.98
N ALA B 411 -10.56 2.59 -3.01
CA ALA B 411 -11.10 2.93 -1.72
C ALA B 411 -11.84 4.24 -1.74
N LEU B 412 -11.39 5.15 -2.59
CA LEU B 412 -12.14 6.39 -2.81
C LEU B 412 -13.48 6.02 -3.41
N ALA B 413 -13.54 5.07 -4.31
CA ALA B 413 -14.81 4.79 -4.96
C ALA B 413 -15.83 4.15 -4.00
N SER B 414 -15.35 3.34 -3.08
CA SER B 414 -16.26 2.73 -2.17
C SER B 414 -16.35 3.55 -0.90
N LYS B 415 -15.78 4.73 -0.88
CA LYS B 415 -15.73 5.58 0.30
C LYS B 415 -15.20 4.92 1.55
N ALA B 416 -14.12 4.16 1.43
CA ALA B 416 -13.52 3.43 2.54
C ALA B 416 -12.15 3.96 2.94
N ALA B 417 -11.65 4.95 2.22
CA ALA B 417 -10.30 5.43 2.51
C ALA B 417 -10.25 6.30 3.76
N THR B 418 -9.14 6.24 4.50
CA THR B 418 -8.95 7.10 5.66
C THR B 418 -7.65 7.90 5.62
N GLY B 419 -6.77 7.67 4.69
CA GLY B 419 -5.53 8.39 4.69
C GLY B 419 -4.67 8.12 3.49
N VAL B 420 -3.42 8.60 3.56
CA VAL B 420 -2.49 8.51 2.47
C VAL B 420 -1.29 7.78 2.93
N GLN B 421 -0.95 6.72 2.18
CA GLN B 421 0.17 5.89 2.44
C GLN B 421 1.18 6.09 1.30
N PHE B 422 2.48 5.97 1.62
CA PHE B 422 3.47 6.12 0.57
C PHE B 422 4.66 5.18 0.73
N SER B 423 5.28 4.82 -0.39
CA SER B 423 6.41 3.95 -0.43
C SER B 423 6.98 4.19 -1.81
N PRO B 424 8.30 4.14 -1.97
CA PRO B 424 9.23 3.78 -0.94
C PRO B 424 9.45 4.96 -0.04
N VAL B 425 9.95 4.69 1.13
CA VAL B 425 10.15 5.77 2.04
C VAL B 425 11.36 6.55 1.63
N THR B 426 11.15 7.49 0.70
CA THR B 426 12.21 8.34 0.24
C THR B 426 11.68 9.74 0.16
N LEU B 427 12.55 10.69 -0.16
CA LEU B 427 12.15 12.05 -0.28
C LEU B 427 11.08 12.24 -1.36
N ASP B 428 11.28 11.57 -2.49
CA ASP B 428 10.37 11.69 -3.62
C ASP B 428 9.02 11.03 -3.36
N GLY B 429 9.06 9.99 -2.54
CA GLY B 429 7.86 9.27 -2.19
C GLY B 429 7.06 10.16 -1.28
N LEU B 430 7.77 10.84 -0.40
CA LEU B 430 7.16 11.79 0.50
C LEU B 430 6.57 12.98 -0.27
N LYS B 431 7.31 13.53 -1.22
CA LYS B 431 6.82 14.68 -1.99
C LYS B 431 5.54 14.29 -2.75
N GLN B 432 5.54 13.12 -3.37
CA GLN B 432 4.34 12.65 -4.06
C GLN B 432 3.12 12.39 -3.14
N ALA B 433 3.38 11.92 -1.92
CA ALA B 433 2.33 11.72 -0.95
C ALA B 433 1.74 13.08 -0.60
N ILE B 434 2.61 14.09 -0.46
CA ILE B 434 2.18 15.47 -0.13
C ILE B 434 1.39 16.12 -1.25
N ARG B 435 1.75 15.89 -2.48
CA ARG B 435 0.95 16.40 -3.60
C ARG B 435 -0.41 15.74 -3.68
N ARG B 436 -0.48 14.43 -3.47
CA ARG B 436 -1.79 13.75 -3.40
C ARG B 436 -2.67 14.33 -2.30
N THR B 437 -2.12 14.59 -1.14
CA THR B 437 -2.92 15.05 -0.01
C THR B 437 -3.52 16.45 -0.28
N VAL B 438 -2.75 17.35 -0.84
CA VAL B 438 -3.24 18.66 -1.25
C VAL B 438 -4.38 18.55 -2.27
N ARG B 439 -4.28 17.65 -3.25
CA ARG B 439 -5.36 17.48 -4.24
C ARG B 439 -6.64 17.06 -3.54
N TYR B 440 -6.54 16.07 -2.63
CA TYR B 440 -7.71 15.58 -1.86
C TYR B 440 -8.27 16.69 -0.98
N TYR B 441 -7.40 17.51 -0.39
CA TYR B 441 -7.86 18.60 0.44
C TYR B 441 -8.80 19.53 -0.34
N HIS B 442 -8.55 19.66 -1.65
CA HIS B 442 -9.31 20.58 -2.53
C HIS B 442 -10.58 19.96 -3.08
N ASP B 443 -10.81 18.72 -2.66
CA ASP B 443 -12.06 18.01 -2.92
C ASP B 443 -12.74 17.76 -1.56
N PRO B 444 -13.49 18.73 -1.06
CA PRO B 444 -14.04 18.69 0.30
C PRO B 444 -14.95 17.50 0.58
N LYS B 445 -15.85 17.17 -0.32
CA LYS B 445 -16.68 16.02 -0.05
C LYS B 445 -15.83 14.76 0.18
N LEU B 446 -14.79 14.62 -0.62
CA LEU B 446 -13.93 13.43 -0.48
C LEU B 446 -13.21 13.54 0.85
N TRP B 447 -12.65 14.74 1.09
CA TRP B 447 -11.90 14.98 2.33
C TRP B 447 -12.71 14.70 3.64
N THR B 448 -13.87 15.33 3.76
CA THR B 448 -14.67 15.16 4.95
C THR B 448 -15.12 13.72 5.12
N GLN B 449 -15.42 13.05 4.02
CA GLN B 449 -15.65 11.63 4.08
C GLN B 449 -14.47 10.82 4.67
N MET B 450 -13.22 11.11 4.30
CA MET B 450 -12.10 10.39 4.95
C MET B 450 -12.03 10.70 6.45
N GLN B 451 -12.36 11.93 6.79
CA GLN B 451 -12.25 12.37 8.18
C GLN B 451 -13.26 11.63 9.06
N LYS B 452 -14.49 11.57 8.58
CA LYS B 452 -15.57 10.91 9.29
C LYS B 452 -15.27 9.45 9.57
N LEU B 453 -14.81 8.78 8.54
CA LEU B 453 -14.44 7.39 8.64
C LEU B 453 -13.30 7.13 9.61
N GLY B 454 -12.26 7.92 9.55
CA GLY B 454 -11.16 7.74 10.47
C GLY B 454 -11.66 7.94 11.88
N MET B 455 -12.53 8.91 12.08
CA MET B 455 -13.05 9.19 13.40
C MET B 455 -13.96 8.08 14.00
N LYS B 456 -14.44 7.17 13.17
CA LYS B 456 -15.25 6.05 13.59
C LYS B 456 -14.39 4.77 13.70
N SER B 457 -13.10 4.89 13.43
CA SER B 457 -12.20 3.75 13.58
C SER B 457 -12.05 3.46 15.10
N ASP B 458 -12.23 2.22 15.53
CA ASP B 458 -12.01 1.86 16.92
C ASP B 458 -10.48 1.68 17.12
N VAL B 459 -9.82 2.65 17.72
CA VAL B 459 -8.39 2.56 17.98
C VAL B 459 -8.13 2.40 19.49
N SER B 460 -9.15 1.96 20.24
CA SER B 460 -9.01 1.89 21.69
C SER B 460 -8.17 0.71 22.09
N TRP B 461 -7.54 0.86 23.24
CA TRP B 461 -6.77 -0.24 23.81
C TRP B 461 -7.65 -1.44 24.06
N GLU B 462 -8.91 -1.19 24.28
CA GLU B 462 -9.82 -2.29 24.57
C GLU B 462 -9.95 -3.23 23.38
N LYS B 463 -10.08 -2.64 22.18
CA LYS B 463 -10.17 -3.41 20.95
C LYS B 463 -8.88 -4.22 20.78
N SER B 464 -7.76 -3.59 21.03
CA SER B 464 -6.54 -4.29 20.95
C SER B 464 -6.51 -5.39 22.03
N ALA B 465 -6.86 -5.05 23.29
CA ALA B 465 -6.94 -6.08 24.33
C ALA B 465 -7.79 -7.27 23.86
N GLY B 466 -8.87 -6.98 23.16
CA GLY B 466 -9.71 -8.05 22.61
C GLY B 466 -9.00 -9.08 21.75
N LEU B 467 -8.03 -8.65 20.95
CA LEU B 467 -7.29 -9.56 20.12
C LEU B 467 -6.25 -10.35 20.94
N TYR B 468 -5.75 -9.76 22.03
CA TYR B 468 -4.82 -10.49 22.92
C TYR B 468 -5.56 -11.59 23.71
N ALA B 469 -6.71 -11.26 24.26
CA ALA B 469 -7.47 -12.23 25.02
C ALA B 469 -7.77 -13.46 24.16
N ALA B 470 -8.11 -13.23 22.90
CA ALA B 470 -8.50 -14.34 22.03
C ALA B 470 -7.32 -15.27 21.82
N LEU B 471 -6.17 -14.66 21.57
CA LEU B 471 -4.94 -15.40 21.34
C LEU B 471 -4.57 -16.12 22.62
N TYR B 472 -4.81 -15.48 23.75
CA TYR B 472 -4.60 -16.11 25.04
C TYR B 472 -5.50 -17.36 25.13
N SER B 473 -6.78 -17.14 24.89
CA SER B 473 -7.73 -18.22 24.97
C SER B 473 -7.25 -19.37 24.07
N GLN B 474 -6.70 -19.06 22.89
CA GLN B 474 -6.18 -20.07 21.97
C GLN B 474 -5.00 -20.86 22.51
N LEU B 475 -4.08 -20.19 23.21
CA LEU B 475 -2.90 -20.87 23.76
C LEU B 475 -3.29 -21.80 24.89
N ILE B 476 -4.33 -21.43 25.63
CA ILE B 476 -4.80 -22.26 26.71
C ILE B 476 -5.74 -23.34 26.16
N SER B 477 -5.13 -24.21 25.37
CA SER B 477 -5.80 -25.31 24.73
C SER B 477 -4.67 -26.07 24.06
N LYS B 478 -4.99 -26.73 22.95
CA LYS B 478 -3.99 -27.51 22.24
C LYS B 478 -3.65 -28.76 23.07
PB ADP C . -1.48 -7.12 -20.46
O1B ADP C . -2.79 -6.65 -19.84
O2B ADP C . -0.67 -6.15 -21.29
O3B ADP C . -0.66 -7.91 -19.49
PA ADP C . -1.62 -9.56 -21.60
O1A ADP C . -1.59 -10.27 -20.24
O2A ADP C . -1.78 -10.41 -22.88
O3A ADP C . -2.07 -8.03 -21.63
O5' ADP C . -3.22 -9.68 -21.46
C5' ADP C . -4.07 -9.41 -22.57
C4' ADP C . -5.44 -10.03 -22.32
O4' ADP C . -5.41 -11.44 -22.50
C3' ADP C . -5.95 -9.84 -20.91
O3' ADP C . -7.35 -9.74 -21.08
C2' ADP C . -5.59 -11.11 -20.17
O2' ADP C . -6.55 -11.41 -19.16
C1' ADP C . -5.64 -12.14 -21.27
N9 ADP C . -4.60 -13.18 -21.23
C8 ADP C . -3.31 -13.04 -20.91
N7 ADP C . -2.63 -14.22 -21.04
C5 ADP C . -3.52 -15.10 -21.48
C6 ADP C . -3.47 -16.53 -21.84
N6 ADP C . -2.31 -17.19 -21.73
N1 ADP C . -4.61 -17.10 -22.26
C2 ADP C . -5.74 -16.40 -22.34
N3 ADP C . -5.85 -15.10 -22.04
C4 ADP C . -4.80 -14.42 -21.62
PB ADP D . 6.29 5.68 19.63
O1B ADP D . 5.53 6.03 18.36
O2B ADP D . 5.73 4.55 20.46
O3B ADP D . 7.79 5.85 19.51
PA ADP D . 6.84 8.06 20.39
O1A ADP D . 7.36 8.29 19.01
O2A ADP D . 7.00 9.12 21.49
O3A ADP D . 5.83 6.89 20.56
O5' ADP D . 5.43 8.80 20.13
C5' ADP D . 4.43 8.74 21.14
C4' ADP D . 3.25 9.67 20.97
O4' ADP D . 3.51 10.96 21.53
C3' ADP D . 2.91 9.92 19.51
O3' ADP D . 1.53 10.12 19.47
C2' ADP D . 3.72 11.15 19.21
O2' ADP D . 3.28 11.87 18.07
C1' ADP D . 3.64 11.94 20.51
N9 ADP D . 4.78 12.86 20.60
C8 ADP D . 5.95 12.71 19.96
N7 ADP D . 6.74 13.77 20.16
C5 ADP D . 6.06 14.62 20.90
C6 ADP D . 6.38 15.94 21.42
N6 ADP D . 7.63 16.43 21.14
N1 ADP D . 5.44 16.54 22.13
C2 ADP D . 4.24 15.97 22.35
N3 ADP D . 3.87 14.76 21.92
C4 ADP D . 4.75 14.06 21.17
#